data_5E0U
#
_entry.id   5E0U
#
_cell.length_a   143.295
_cell.length_b   143.295
_cell.length_c   41.402
_cell.angle_alpha   90.00
_cell.angle_beta   90.00
_cell.angle_gamma   120.00
#
_symmetry.space_group_name_H-M   'P 3'
#
loop_
_entity.id
_entity.type
_entity.pdbx_description
1 polymer 'Proliferating cell nuclear antigen'
2 polymer 'Cyclin-dependent kinase inhibitor 1'
3 water water
#
loop_
_entity_poly.entity_id
_entity_poly.type
_entity_poly.pdbx_seq_one_letter_code
_entity_poly.pdbx_strand_id
1 'polypeptide(L)'
;MFEARLVQGSILKKVLEALKDLINEACWDISSSGVNLQSMDSSHVSLVQLTLRSEGFDTYRCDRNLAMGVNLTSMSKILK
CAGNEDIITLRAEDNADTLALVFEAPNQEKVSDYEMKLMDLDVEQLGIPEQEYSCVVKMPSGEFARICRDLSHIGDAVVI
SCAKDGVKFSASGELGNGNIKLSQTSNVDKEEEAVTIEMNEPVQLTFALRYLNFFTKATPLSSTVTLIMSADVPLVVEYK
IADMGHLKYYLAPKIEDEEGS
;
A,B,C
2 'polypeptide(L)' CGRKRRQTSMTDFYHSKRRLIFS D,E,F
#
# COMPACT_ATOMS: atom_id res chain seq x y z
N MET A 1 -25.24 8.96 -26.82
CA MET A 1 -24.80 10.25 -27.28
C MET A 1 -24.16 10.98 -26.15
N PHE A 2 -23.03 11.61 -26.45
CA PHE A 2 -22.29 12.35 -25.46
C PHE A 2 -22.09 13.77 -25.95
N GLU A 3 -22.40 14.70 -25.08
CA GLU A 3 -22.36 16.10 -25.44
C GLU A 3 -22.02 16.93 -24.25
N ALA A 4 -20.86 17.60 -24.30
CA ALA A 4 -20.41 18.45 -23.21
C ALA A 4 -19.90 19.78 -23.72
N ARG A 5 -20.35 20.83 -23.09
CA ARG A 5 -20.04 22.19 -23.51
C ARG A 5 -19.28 22.96 -22.47
N LEU A 6 -18.13 23.46 -22.85
CA LEU A 6 -17.30 24.21 -21.93
C LEU A 6 -16.98 25.65 -22.40
N VAL A 7 -17.47 26.64 -21.67
CA VAL A 7 -17.16 28.06 -21.92
C VAL A 7 -15.65 28.41 -21.67
N GLN A 8 -15.03 27.78 -20.68
CA GLN A 8 -13.58 27.89 -20.45
C GLN A 8 -12.84 26.89 -21.28
N GLY A 9 -12.81 27.05 -22.58
CA GLY A 9 -12.13 26.10 -23.43
C GLY A 9 -10.63 25.95 -23.15
N SER A 10 -9.98 26.99 -22.65
CA SER A 10 -8.55 26.93 -22.41
C SER A 10 -8.20 25.80 -21.47
N ILE A 11 -9.14 25.42 -20.62
CA ILE A 11 -8.95 24.30 -19.72
C ILE A 11 -8.63 23.00 -20.43
N LEU A 12 -9.34 22.68 -21.48
CA LEU A 12 -9.04 21.44 -22.17
C LEU A 12 -7.74 21.53 -22.95
N LYS A 13 -7.43 22.74 -23.38
CA LYS A 13 -6.19 23.02 -24.08
C LYS A 13 -5.02 22.71 -23.18
N LYS A 14 -5.11 23.19 -21.94
CA LYS A 14 -4.05 22.97 -20.99
C LYS A 14 -3.91 21.54 -20.69
N VAL A 15 -5.04 20.86 -20.59
CA VAL A 15 -5.05 19.46 -20.17
C VAL A 15 -4.29 18.62 -21.16
N LEU A 16 -4.38 18.92 -22.43
CA LEU A 16 -3.73 18.04 -23.36
C LEU A 16 -2.25 18.36 -23.52
N GLU A 17 -1.90 19.63 -23.27
CA GLU A 17 -0.50 20.04 -23.19
C GLU A 17 0.17 19.43 -21.98
N ALA A 18 -0.62 19.19 -20.93
CA ALA A 18 -0.15 18.49 -19.73
C ALA A 18 0.01 17.00 -19.95
N LEU A 19 -0.50 16.45 -21.04
CA LEU A 19 -0.52 15.01 -21.20
C LEU A 19 0.27 14.50 -22.38
N LYS A 20 0.24 15.25 -23.47
CA LYS A 20 0.59 14.72 -24.79
C LYS A 20 1.99 14.18 -24.90
N ASP A 21 2.91 14.72 -24.09
CA ASP A 21 4.34 14.35 -24.14
C ASP A 21 4.67 13.11 -23.30
N LEU A 22 3.85 12.85 -22.30
CA LEU A 22 4.04 11.72 -21.41
C LEU A 22 3.32 10.49 -21.94
N ILE A 23 2.13 10.72 -22.51
CA ILE A 23 1.29 9.66 -23.06
C ILE A 23 0.86 9.89 -24.54
N ASN A 24 1.00 8.89 -25.38
CA ASN A 24 0.66 9.06 -26.78
C ASN A 24 -0.77 8.75 -27.12
N GLU A 25 -1.32 7.83 -26.32
CA GLU A 25 -2.62 7.21 -26.51
C GLU A 25 -3.28 7.05 -25.19
N ALA A 26 -4.55 7.39 -25.07
CA ALA A 26 -5.27 7.10 -23.84
C ALA A 26 -6.75 6.80 -24.07
N CYS A 27 -7.35 6.15 -23.10
CA CYS A 27 -8.76 5.92 -23.13
C CYS A 27 -9.46 7.01 -22.33
N TRP A 28 -10.48 7.59 -22.94
CA TRP A 28 -11.33 8.56 -22.31
C TRP A 28 -12.65 7.89 -21.92
N ASP A 29 -12.95 7.86 -20.64
CA ASP A 29 -14.13 7.18 -20.13
C ASP A 29 -15.23 8.14 -19.86
N ILE A 30 -16.29 8.04 -20.65
CA ILE A 30 -17.41 8.95 -20.51
C ILE A 30 -18.62 8.31 -19.81
N SER A 31 -19.17 9.03 -18.84
CA SER A 31 -20.33 8.60 -18.07
C SER A 31 -21.13 9.80 -17.72
N SER A 32 -22.18 9.61 -16.94
CA SER A 32 -23.02 10.72 -16.53
C SER A 32 -22.30 11.60 -15.52
N SER A 33 -21.29 11.02 -14.90
CA SER A 33 -20.53 11.66 -13.87
C SER A 33 -19.50 12.59 -14.45
N GLY A 34 -18.93 12.23 -15.59
CA GLY A 34 -17.97 13.07 -16.26
C GLY A 34 -16.91 12.27 -16.96
N VAL A 35 -15.76 12.89 -17.14
CA VAL A 35 -14.65 12.33 -17.88
C VAL A 35 -13.55 11.86 -16.97
N ASN A 36 -13.09 10.63 -17.17
CA ASN A 36 -11.97 10.07 -16.45
C ASN A 36 -11.00 9.51 -17.41
N LEU A 37 -9.74 9.73 -17.18
CA LEU A 37 -8.72 9.16 -18.02
C LEU A 37 -7.68 8.68 -17.04
N GLN A 38 -7.10 7.54 -17.37
CA GLN A 38 -6.04 6.93 -16.60
C GLN A 38 -5.08 6.28 -17.58
N SER A 39 -3.77 6.48 -17.41
CA SER A 39 -2.83 5.89 -18.33
C SER A 39 -1.43 5.85 -17.71
N MET A 40 -0.71 4.75 -17.93
CA MET A 40 0.71 4.67 -17.67
C MET A 40 1.48 5.15 -18.88
N ASP A 41 2.71 5.63 -18.70
CA ASP A 41 3.53 5.93 -19.86
C ASP A 41 4.16 4.63 -20.30
N SER A 42 4.73 4.64 -21.50
CA SER A 42 5.34 3.48 -22.15
C SER A 42 6.37 2.76 -21.33
N SER A 43 6.97 3.44 -20.36
CA SER A 43 8.00 2.80 -19.55
C SER A 43 7.41 2.26 -18.27
N HIS A 44 6.15 2.64 -17.99
CA HIS A 44 5.41 2.15 -16.83
C HIS A 44 5.92 2.63 -15.49
N VAL A 45 6.72 3.67 -15.48
CA VAL A 45 7.28 4.20 -14.24
C VAL A 45 6.33 5.22 -13.64
N SER A 46 5.49 5.78 -14.49
CA SER A 46 4.57 6.80 -14.04
C SER A 46 3.15 6.50 -14.45
N LEU A 47 2.23 7.26 -13.89
CA LEU A 47 0.86 7.05 -14.17
C LEU A 47 0.15 8.38 -14.05
N VAL A 48 -0.84 8.59 -14.92
CA VAL A 48 -1.69 9.79 -14.94
C VAL A 48 -3.11 9.41 -14.75
N GLN A 49 -3.86 10.18 -13.97
CA GLN A 49 -5.28 9.93 -13.92
C GLN A 49 -5.95 11.30 -13.95
N LEU A 50 -6.86 11.47 -14.87
CA LEU A 50 -7.54 12.73 -15.04
C LEU A 50 -8.99 12.63 -14.67
N THR A 51 -9.53 13.65 -14.04
CA THR A 51 -10.92 13.63 -13.71
C THR A 51 -11.55 15.01 -13.89
N LEU A 52 -12.56 15.06 -14.75
CA LEU A 52 -13.33 16.27 -15.03
C LEU A 52 -14.80 16.05 -14.75
N ARG A 53 -15.33 16.67 -13.70
CA ARG A 53 -16.70 16.42 -13.29
C ARG A 53 -17.76 17.04 -14.18
N SER A 54 -18.83 16.31 -14.39
CA SER A 54 -19.89 16.76 -15.25
C SER A 54 -20.51 18.10 -14.85
N GLU A 55 -20.37 18.49 -13.59
CA GLU A 55 -20.97 19.75 -13.14
C GLU A 55 -20.08 20.92 -13.48
N GLY A 56 -18.87 20.61 -13.95
CA GLY A 56 -17.96 21.62 -14.47
C GLY A 56 -18.22 22.09 -15.88
N PHE A 57 -18.97 21.32 -16.63
CA PHE A 57 -19.29 21.71 -17.99
C PHE A 57 -20.55 22.54 -17.99
N ASP A 58 -20.62 23.52 -18.89
CA ASP A 58 -21.77 24.40 -18.95
C ASP A 58 -23.04 23.60 -19.19
N THR A 59 -22.93 22.64 -20.09
CA THR A 59 -23.97 21.66 -20.30
C THR A 59 -23.23 20.35 -20.47
N TYR A 60 -23.85 19.27 -20.03
CA TYR A 60 -23.25 17.97 -20.09
C TYR A 60 -24.35 16.96 -20.34
N ARG A 61 -24.11 16.02 -21.25
CA ARG A 61 -25.07 14.94 -21.48
C ARG A 61 -24.40 13.65 -21.84
N CYS A 62 -24.77 12.60 -21.13
CA CYS A 62 -24.28 11.30 -21.46
C CYS A 62 -25.37 10.28 -21.32
N ASP A 63 -25.76 9.71 -22.46
CA ASP A 63 -26.70 8.62 -22.50
C ASP A 63 -26.01 7.31 -22.13
N ARG A 64 -24.92 6.99 -22.81
CA ARG A 64 -24.27 5.70 -22.64
C ARG A 64 -22.86 5.84 -22.11
N ASN A 65 -22.44 4.91 -21.25
CA ASN A 65 -21.05 4.95 -20.84
C ASN A 65 -20.21 4.68 -22.06
N LEU A 66 -19.23 5.53 -22.27
CA LEU A 66 -18.42 5.51 -23.47
C LEU A 66 -16.95 5.43 -23.18
N ALA A 67 -16.27 4.59 -23.94
CA ALA A 67 -14.84 4.46 -23.88
C ALA A 67 -14.22 4.79 -25.23
N MET A 68 -13.57 5.95 -25.34
CA MET A 68 -12.94 6.41 -26.57
C MET A 68 -11.43 6.26 -26.57
N GLY A 69 -10.90 5.52 -27.53
CA GLY A 69 -9.48 5.39 -27.73
C GLY A 69 -8.98 6.58 -28.53
N VAL A 70 -8.04 7.32 -27.97
CA VAL A 70 -7.63 8.58 -28.56
C VAL A 70 -6.13 8.68 -28.66
N ASN A 71 -5.66 9.06 -29.84
CA ASN A 71 -4.30 9.51 -30.04
C ASN A 71 -4.18 10.91 -29.48
N LEU A 72 -3.40 11.06 -28.42
CA LEU A 72 -3.31 12.30 -27.68
C LEU A 72 -2.51 13.34 -28.43
N THR A 73 -1.57 12.89 -29.23
CA THR A 73 -0.84 13.78 -30.12
C THR A 73 -1.83 14.50 -31.04
N SER A 74 -2.80 13.75 -31.54
CA SER A 74 -3.80 14.27 -32.45
C SER A 74 -4.82 15.19 -31.81
N MET A 75 -5.18 14.93 -30.57
CA MET A 75 -6.21 15.71 -29.93
C MET A 75 -5.67 17.07 -29.64
N SER A 76 -4.36 17.09 -29.42
CA SER A 76 -3.58 18.26 -29.07
C SER A 76 -3.42 19.18 -30.28
N LYS A 77 -3.17 18.55 -31.42
CA LYS A 77 -3.17 19.29 -32.67
C LYS A 77 -4.48 20.01 -32.87
N ILE A 78 -5.59 19.31 -32.66
CA ILE A 78 -6.89 19.89 -32.84
C ILE A 78 -7.13 21.03 -31.89
N LEU A 79 -6.78 20.83 -30.63
CA LEU A 79 -7.05 21.83 -29.62
C LEU A 79 -6.11 23.00 -29.70
N LYS A 80 -4.95 22.83 -30.31
CA LYS A 80 -4.12 23.98 -30.57
C LYS A 80 -4.80 24.90 -31.62
N CYS A 81 -5.84 24.42 -32.32
CA CYS A 81 -6.56 25.27 -33.28
C CYS A 81 -7.65 26.03 -32.57
N ALA A 82 -7.70 25.95 -31.25
CA ALA A 82 -8.65 26.75 -30.48
C ALA A 82 -7.95 27.91 -29.77
N GLY A 83 -8.66 29.02 -29.70
CA GLY A 83 -8.18 30.18 -29.00
C GLY A 83 -8.56 30.01 -27.57
N ASN A 84 -7.96 30.79 -26.70
CA ASN A 84 -8.16 30.61 -25.29
C ASN A 84 -9.54 30.99 -24.79
N GLU A 85 -10.28 31.74 -25.59
CA GLU A 85 -11.61 32.11 -25.17
C GLU A 85 -12.71 31.45 -25.98
N ASP A 86 -12.35 30.41 -26.69
CA ASP A 86 -13.34 29.65 -27.41
C ASP A 86 -14.23 28.92 -26.43
N ILE A 87 -15.51 28.81 -26.75
CA ILE A 87 -16.40 27.87 -26.09
C ILE A 87 -16.23 26.55 -26.81
N ILE A 88 -15.86 25.51 -26.08
CA ILE A 88 -15.58 24.24 -26.74
C ILE A 88 -16.67 23.24 -26.42
N THR A 89 -17.20 22.59 -27.44
CA THR A 89 -18.15 21.54 -27.21
C THR A 89 -17.60 20.25 -27.78
N LEU A 90 -17.68 19.20 -26.98
CA LEU A 90 -17.37 17.83 -27.39
C LEU A 90 -18.62 17.06 -27.61
N ARG A 91 -18.59 16.18 -28.58
CA ARG A 91 -19.75 15.44 -28.98
C ARG A 91 -19.39 14.14 -29.67
N ALA A 92 -20.14 13.11 -29.37
CA ALA A 92 -19.96 11.85 -30.05
C ALA A 92 -21.33 11.21 -30.26
N GLU A 93 -21.45 10.41 -31.30
CA GLU A 93 -22.67 9.70 -31.60
C GLU A 93 -22.70 8.46 -30.74
N ASP A 94 -23.84 7.75 -30.73
CA ASP A 94 -23.88 6.53 -29.95
C ASP A 94 -22.89 5.56 -30.57
N ASN A 95 -22.92 5.44 -31.89
CA ASN A 95 -21.88 4.65 -32.53
C ASN A 95 -21.02 5.61 -33.32
N ALA A 96 -20.10 6.23 -32.59
CA ALA A 96 -19.26 7.24 -33.18
C ALA A 96 -17.88 6.60 -33.35
N ASP A 97 -17.32 6.80 -34.52
CA ASP A 97 -16.00 6.35 -34.86
C ASP A 97 -15.07 7.53 -34.64
N THR A 98 -15.68 8.66 -34.34
CA THR A 98 -14.96 9.88 -34.19
C THR A 98 -15.50 10.66 -33.02
N LEU A 99 -14.74 11.65 -32.61
CA LEU A 99 -15.19 12.59 -31.61
C LEU A 99 -15.22 13.93 -32.28
N ALA A 100 -16.26 14.70 -32.03
CA ALA A 100 -16.37 16.00 -32.62
C ALA A 100 -16.02 17.11 -31.65
N LEU A 101 -15.12 17.98 -32.04
CA LEU A 101 -14.79 19.12 -31.23
C LEU A 101 -15.15 20.41 -31.95
N VAL A 102 -16.00 21.21 -31.34
CA VAL A 102 -16.52 22.41 -31.99
C VAL A 102 -16.19 23.64 -31.19
N PHE A 103 -15.50 24.58 -31.83
CA PHE A 103 -14.96 25.73 -31.14
C PHE A 103 -15.73 26.99 -31.56
N GLU A 104 -16.26 27.72 -30.59
CA GLU A 104 -17.00 28.92 -30.90
C GLU A 104 -16.33 30.16 -30.41
N ALA A 105 -16.14 31.12 -31.31
CA ALA A 105 -15.57 32.41 -30.95
C ALA A 105 -16.65 33.25 -30.27
N PRO A 106 -16.25 34.30 -29.54
CA PRO A 106 -17.18 35.19 -28.82
C PRO A 106 -18.02 36.17 -29.69
N ASN A 107 -17.81 36.19 -31.00
CA ASN A 107 -18.54 37.12 -31.85
C ASN A 107 -19.63 36.44 -32.67
N GLN A 108 -19.72 35.12 -32.52
CA GLN A 108 -20.68 34.31 -33.24
C GLN A 108 -20.36 34.36 -34.75
N GLU A 109 -19.18 34.87 -35.08
CA GLU A 109 -18.81 35.05 -36.47
C GLU A 109 -17.81 34.02 -36.94
N LYS A 110 -17.20 33.32 -36.00
CA LYS A 110 -16.23 32.27 -36.34
C LYS A 110 -16.57 30.98 -35.62
N VAL A 111 -16.69 29.89 -36.36
CA VAL A 111 -17.00 28.61 -35.75
C VAL A 111 -16.17 27.54 -36.44
N SER A 112 -15.48 26.73 -35.66
CA SER A 112 -14.63 25.69 -36.21
C SER A 112 -15.13 24.32 -35.80
N ASP A 113 -15.13 23.37 -36.73
CA ASP A 113 -15.63 22.06 -36.42
C ASP A 113 -14.57 21.06 -36.77
N TYR A 114 -14.11 20.31 -35.79
CA TYR A 114 -13.10 19.31 -36.07
C TYR A 114 -13.62 17.93 -35.76
N GLU A 115 -13.06 16.95 -36.42
CA GLU A 115 -13.59 15.63 -36.32
C GLU A 115 -12.45 14.66 -36.31
N MET A 116 -12.27 14.02 -35.16
CA MET A 116 -11.13 13.21 -34.88
C MET A 116 -11.40 11.73 -34.95
N LYS A 117 -10.60 11.01 -35.73
CA LYS A 117 -10.69 9.57 -35.72
C LYS A 117 -10.34 9.02 -34.35
N LEU A 118 -11.09 8.06 -33.87
CA LEU A 118 -10.73 7.39 -32.63
C LEU A 118 -9.87 6.18 -33.00
N MET A 119 -9.37 5.42 -32.04
CA MET A 119 -8.50 4.29 -32.37
C MET A 119 -8.71 3.10 -31.48
N ASP A 120 -8.30 1.93 -31.96
CA ASP A 120 -8.34 0.74 -31.13
C ASP A 120 -7.14 0.72 -30.22
N LEU A 121 -7.37 0.59 -28.93
CA LEU A 121 -6.24 0.48 -28.01
C LEU A 121 -6.27 -0.86 -27.28
N ASP A 122 -5.10 -1.35 -26.93
CA ASP A 122 -4.98 -2.45 -26.01
C ASP A 122 -4.20 -1.91 -24.82
N VAL A 123 -4.93 -1.37 -23.87
CA VAL A 123 -4.37 -0.64 -22.75
C VAL A 123 -4.04 -1.56 -21.57
N GLU A 124 -3.32 -1.04 -20.60
CA GLU A 124 -3.03 -1.74 -19.39
C GLU A 124 -3.41 -0.80 -18.25
N GLN A 125 -4.61 -1.02 -17.69
CA GLN A 125 -5.19 -0.12 -16.68
C GLN A 125 -5.03 -0.64 -15.23
N LEU A 126 -4.71 0.26 -14.30
CA LEU A 126 -4.35 -0.06 -12.90
C LEU A 126 -5.34 0.17 -11.76
N GLY A 127 -5.24 -0.65 -10.72
CA GLY A 127 -6.03 -0.47 -9.50
C GLY A 127 -5.42 0.44 -8.44
N ILE A 128 -5.92 1.65 -8.33
CA ILE A 128 -5.36 2.67 -7.46
C ILE A 128 -6.06 2.71 -6.15
N PRO A 129 -5.41 2.19 -5.09
CA PRO A 129 -5.99 2.12 -3.77
C PRO A 129 -5.95 3.45 -3.09
N GLU A 130 -6.95 3.70 -2.29
CA GLU A 130 -6.97 4.84 -1.41
C GLU A 130 -6.23 4.50 -0.12
N GLN A 131 -5.02 5.03 0.03
CA GLN A 131 -4.25 4.85 1.24
C GLN A 131 -4.27 6.14 2.03
N GLU A 132 -3.72 6.18 3.23
CA GLU A 132 -3.29 7.49 3.71
C GLU A 132 -1.77 7.43 3.78
N TYR A 133 -1.17 8.58 3.59
CA TYR A 133 0.25 8.72 3.35
C TYR A 133 0.80 9.39 4.58
N SER A 134 2.11 9.38 4.73
CA SER A 134 2.74 9.96 5.91
C SER A 134 3.01 11.45 5.79
N CYS A 135 2.93 11.97 4.57
CA CYS A 135 3.36 13.34 4.29
C CYS A 135 2.66 14.03 3.14
N VAL A 136 2.24 15.27 3.39
CA VAL A 136 1.58 16.10 2.41
C VAL A 136 2.08 17.52 2.44
N VAL A 137 2.74 17.92 1.37
CA VAL A 137 3.18 19.28 1.21
C VAL A 137 2.41 19.96 0.12
N LYS A 138 1.89 21.14 0.39
CA LYS A 138 1.21 21.91 -0.62
C LYS A 138 1.99 23.23 -0.94
N MET A 139 2.34 23.50 -2.20
CA MET A 139 3.18 24.69 -2.48
C MET A 139 2.89 25.37 -3.83
N PRO A 140 3.45 26.56 -4.10
CA PRO A 140 3.29 27.13 -5.44
C PRO A 140 3.68 26.19 -6.55
N SER A 141 2.87 26.10 -7.60
CA SER A 141 3.13 25.15 -8.68
C SER A 141 4.32 25.56 -9.46
N GLY A 142 4.51 26.86 -9.50
CA GLY A 142 5.60 27.49 -10.21
C GLY A 142 6.92 27.26 -9.52
N GLU A 143 6.93 27.36 -8.19
CA GLU A 143 8.07 27.03 -7.36
C GLU A 143 8.51 25.59 -7.60
N PHE A 144 7.57 24.66 -7.58
CA PHE A 144 7.89 23.27 -7.80
C PHE A 144 8.51 23.02 -9.17
N ALA A 145 7.96 23.64 -10.21
CA ALA A 145 8.47 23.49 -11.57
C ALA A 145 9.90 23.98 -11.69
N ARG A 146 10.16 25.13 -11.10
CA ARG A 146 11.48 25.75 -11.01
C ARG A 146 12.50 24.79 -10.36
N ILE A 147 12.12 24.25 -9.21
CA ILE A 147 12.95 23.33 -8.49
C ILE A 147 13.30 22.11 -9.32
N CYS A 148 12.30 21.52 -9.95
CA CYS A 148 12.55 20.31 -10.71
C CYS A 148 13.41 20.60 -11.90
N ARG A 149 13.21 21.78 -12.47
CA ARG A 149 13.96 22.17 -13.66
C ARG A 149 15.38 22.49 -13.35
N ASP A 150 15.58 23.32 -12.36
CA ASP A 150 16.92 23.66 -11.90
C ASP A 150 17.73 22.46 -11.49
N LEU A 151 17.22 21.67 -10.55
CA LEU A 151 17.99 20.56 -10.05
C LEU A 151 18.26 19.47 -11.06
N SER A 152 17.50 19.43 -12.14
CA SER A 152 17.72 18.41 -13.14
C SER A 152 19.02 18.60 -13.86
N HIS A 153 19.53 19.82 -13.75
CA HIS A 153 20.79 20.22 -14.37
C HIS A 153 21.94 19.69 -13.53
N ILE A 154 21.66 19.40 -12.26
CA ILE A 154 22.63 18.93 -11.29
C ILE A 154 22.82 17.44 -11.45
N GLY A 155 21.73 16.69 -11.36
CA GLY A 155 21.79 15.24 -11.46
C GLY A 155 20.42 14.71 -11.87
N ASP A 156 20.35 13.40 -12.10
CA ASP A 156 19.17 12.72 -12.64
C ASP A 156 18.04 12.53 -11.70
N ALA A 157 18.35 12.38 -10.43
CA ALA A 157 17.35 12.00 -9.45
C ALA A 157 17.26 13.05 -8.38
N VAL A 158 16.07 13.28 -7.84
CA VAL A 158 15.91 14.19 -6.72
C VAL A 158 15.53 13.40 -5.48
N VAL A 159 16.11 13.79 -4.35
CA VAL A 159 15.69 13.24 -3.10
C VAL A 159 14.83 14.26 -2.37
N ILE A 160 13.62 13.83 -2.11
CA ILE A 160 12.65 14.64 -1.39
C ILE A 160 12.50 14.18 0.06
N SER A 161 12.77 15.08 0.99
CA SER A 161 12.65 14.78 2.40
C SER A 161 11.65 15.65 3.09
N CYS A 162 10.71 15.05 3.77
CA CYS A 162 9.70 15.82 4.41
C CYS A 162 10.01 15.82 5.88
N ALA A 163 9.85 16.98 6.49
CA ALA A 163 9.92 17.18 7.92
C ALA A 163 8.74 18.05 8.34
N LYS A 164 8.62 18.37 9.63
CA LYS A 164 7.40 19.07 10.08
C LYS A 164 7.44 20.52 9.65
N ASP A 165 8.66 21.03 9.66
CA ASP A 165 9.01 22.43 9.42
C ASP A 165 9.04 22.79 7.96
N GLY A 166 9.54 21.89 7.12
CA GLY A 166 9.64 22.21 5.73
C GLY A 166 10.13 21.03 4.94
N VAL A 167 10.40 21.27 3.67
CA VAL A 167 10.79 20.22 2.74
C VAL A 167 12.08 20.54 1.98
N LYS A 168 12.85 19.50 1.71
CA LYS A 168 14.13 19.59 1.11
C LYS A 168 14.21 18.76 -0.13
N PHE A 169 14.76 19.32 -1.20
CA PHE A 169 15.01 18.58 -2.42
C PHE A 169 16.49 18.59 -2.68
N SER A 170 17.02 17.46 -3.09
CA SER A 170 18.45 17.29 -3.24
C SER A 170 18.72 16.46 -4.47
N ALA A 171 19.73 16.86 -5.26
CA ALA A 171 20.15 16.06 -6.41
C ALA A 171 21.67 15.92 -6.45
N SER A 172 22.18 14.93 -7.18
CA SER A 172 23.62 14.72 -7.30
C SER A 172 24.04 14.28 -8.69
N GLY A 173 25.12 14.88 -9.15
CA GLY A 173 25.66 14.58 -10.44
C GLY A 173 27.17 14.65 -10.45
N GLU A 174 27.70 14.62 -11.66
CA GLU A 174 29.13 14.65 -11.88
C GLU A 174 29.77 15.89 -11.23
N LEU A 175 29.04 16.99 -11.18
CA LEU A 175 29.58 18.26 -10.74
C LEU A 175 29.51 18.56 -9.26
N GLY A 176 28.72 17.83 -8.49
CA GLY A 176 28.53 18.17 -7.09
C GLY A 176 27.09 18.01 -6.70
N ASN A 177 26.64 18.73 -5.69
CA ASN A 177 25.29 18.57 -5.21
C ASN A 177 24.61 19.86 -4.76
N GLY A 178 23.29 19.81 -4.71
CA GLY A 178 22.49 20.94 -4.30
C GLY A 178 21.40 20.57 -3.33
N ASN A 179 20.99 21.51 -2.49
CA ASN A 179 19.93 21.31 -1.53
C ASN A 179 19.03 22.51 -1.57
N ILE A 180 17.77 22.32 -1.88
CA ILE A 180 16.85 23.44 -1.84
C ILE A 180 15.96 23.15 -0.67
N LYS A 181 15.82 24.15 0.19
CA LYS A 181 15.13 23.93 1.42
C LYS A 181 14.00 24.93 1.59
N LEU A 182 12.77 24.43 1.59
CA LEU A 182 11.63 25.28 1.82
C LEU A 182 11.06 25.06 3.19
N SER A 183 10.98 26.12 3.99
CA SER A 183 10.34 26.01 5.28
C SER A 183 8.85 26.23 5.11
N GLN A 184 8.08 25.67 6.04
CA GLN A 184 6.67 25.99 6.21
C GLN A 184 6.55 27.51 6.28
N THR A 185 5.59 28.07 5.55
CA THR A 185 5.40 29.52 5.57
C THR A 185 4.86 29.87 6.94
N SER A 186 5.53 30.75 7.67
CA SER A 186 5.14 30.97 9.04
C SER A 186 4.08 32.06 9.14
N ASN A 187 4.19 33.08 8.30
CA ASN A 187 3.16 34.12 8.22
C ASN A 187 2.27 34.00 6.96
N VAL A 188 1.15 33.27 7.06
CA VAL A 188 0.30 32.96 5.89
C VAL A 188 -0.83 33.93 5.48
N ASP A 189 -0.67 34.56 4.31
CA ASP A 189 -1.67 35.47 3.72
C ASP A 189 -2.52 34.76 2.68
N LYS A 190 -1.94 34.54 1.50
CA LYS A 190 -2.66 33.96 0.39
C LYS A 190 -2.29 32.50 0.22
N GLU A 191 -3.29 31.67 -0.07
CA GLU A 191 -3.19 30.22 -0.07
C GLU A 191 -2.11 29.67 -0.98
N GLU A 192 -2.01 30.25 -2.18
CA GLU A 192 -1.20 29.70 -3.27
C GLU A 192 0.27 30.10 -3.23
N GLU A 193 0.57 31.09 -2.40
CA GLU A 193 1.91 31.61 -2.30
C GLU A 193 2.61 30.96 -1.13
N ALA A 194 1.84 30.23 -0.34
CA ALA A 194 2.32 29.61 0.87
C ALA A 194 2.84 28.18 0.69
N VAL A 195 3.70 27.76 1.61
CA VAL A 195 4.15 26.37 1.74
C VAL A 195 3.63 25.81 3.05
N THR A 196 2.78 24.80 2.98
CA THR A 196 2.24 24.25 4.19
C THR A 196 2.52 22.78 4.22
N ILE A 197 2.94 22.29 5.39
CA ILE A 197 3.27 20.90 5.55
C ILE A 197 2.47 20.25 6.66
N GLU A 198 1.84 19.12 6.32
CA GLU A 198 1.13 18.27 7.27
C GLU A 198 1.70 16.86 7.15
N MET A 199 2.08 16.29 8.28
CA MET A 199 2.97 15.14 8.32
C MET A 199 2.64 14.24 9.48
N ASN A 200 2.72 12.93 9.29
CA ASN A 200 2.70 12.00 10.42
C ASN A 200 4.11 11.51 10.67
N GLU A 201 4.75 11.00 9.63
CA GLU A 201 6.12 10.49 9.70
C GLU A 201 6.98 11.12 8.65
N PRO A 202 8.25 11.39 9.00
CA PRO A 202 9.31 11.88 8.14
C PRO A 202 9.48 10.99 6.93
N VAL A 203 9.44 11.57 5.74
CA VAL A 203 9.61 10.80 4.52
C VAL A 203 10.86 11.25 3.81
N GLN A 204 11.56 10.32 3.20
CA GLN A 204 12.70 10.59 2.37
C GLN A 204 12.62 9.67 1.18
N LEU A 205 12.50 10.23 -0.01
CA LEU A 205 12.27 9.41 -1.21
C LEU A 205 13.05 9.90 -2.43
N THR A 206 13.38 8.99 -3.32
CA THR A 206 14.15 9.29 -4.50
C THR A 206 13.38 9.06 -5.77
N PHE A 207 13.36 10.07 -6.61
CA PHE A 207 12.63 10.03 -7.84
C PHE A 207 13.46 10.53 -9.03
N ALA A 208 13.03 10.14 -10.23
CA ALA A 208 13.65 10.56 -11.48
C ALA A 208 13.17 11.93 -11.91
N LEU A 209 14.08 12.89 -12.02
CA LEU A 209 13.72 14.27 -12.30
C LEU A 209 13.14 14.38 -13.66
N ARG A 210 13.53 13.46 -14.53
CA ARG A 210 13.00 13.36 -15.90
C ARG A 210 11.49 13.38 -15.97
N TYR A 211 10.85 12.55 -15.15
CA TYR A 211 9.40 12.39 -15.17
C TYR A 211 8.69 13.57 -14.56
N LEU A 212 9.24 14.10 -13.48
CA LEU A 212 8.63 15.23 -12.79
C LEU A 212 8.52 16.42 -13.72
N ASN A 213 9.51 16.54 -14.61
CA ASN A 213 9.52 17.64 -15.55
C ASN A 213 8.51 17.51 -16.64
N PHE A 214 7.99 16.29 -16.85
CA PHE A 214 6.80 16.09 -17.67
C PHE A 214 5.62 16.59 -16.87
N PHE A 215 5.58 16.26 -15.59
CA PHE A 215 4.42 16.58 -14.78
C PHE A 215 4.20 18.07 -14.71
N THR A 216 5.29 18.82 -14.69
CA THR A 216 5.19 20.23 -14.36
C THR A 216 4.67 21.05 -15.53
N LYS A 217 4.38 20.35 -16.62
CA LYS A 217 3.74 20.89 -17.79
C LYS A 217 2.26 21.15 -17.50
N ALA A 218 1.80 20.61 -16.39
CA ALA A 218 0.46 20.85 -15.93
C ALA A 218 0.35 22.13 -15.10
N THR A 219 1.48 22.76 -14.82
CA THR A 219 1.54 23.96 -13.98
C THR A 219 0.52 25.07 -14.29
N PRO A 220 0.21 25.31 -15.59
CA PRO A 220 -0.79 26.33 -15.91
C PRO A 220 -2.23 26.00 -15.51
N LEU A 221 -2.50 24.81 -15.04
CA LEU A 221 -3.85 24.52 -14.60
C LEU A 221 -4.09 25.05 -13.21
N SER A 222 -3.03 25.26 -12.44
CA SER A 222 -3.20 25.69 -11.07
C SER A 222 -2.00 26.45 -10.46
N SER A 223 -2.31 27.38 -9.57
CA SER A 223 -1.34 28.16 -8.80
C SER A 223 -0.56 27.33 -7.78
N THR A 224 -1.17 26.23 -7.39
CA THR A 224 -0.70 25.36 -6.32
C THR A 224 -0.52 23.94 -6.81
N VAL A 225 0.39 23.22 -6.18
CA VAL A 225 0.57 21.80 -6.45
C VAL A 225 0.61 21.14 -5.09
N THR A 226 0.15 19.89 -5.01
CA THR A 226 0.16 19.16 -3.76
C THR A 226 0.87 17.83 -3.98
N LEU A 227 1.83 17.57 -3.10
CA LEU A 227 2.70 16.41 -3.19
C LEU A 227 2.38 15.45 -2.06
N ILE A 228 2.19 14.19 -2.40
CA ILE A 228 1.70 13.21 -1.43
C ILE A 228 2.65 12.05 -1.28
N MET A 229 3.20 11.91 -0.08
CA MET A 229 4.27 10.96 0.06
C MET A 229 4.13 9.99 1.18
N SER A 230 4.53 8.77 0.89
CA SER A 230 4.54 7.74 1.87
C SER A 230 5.76 6.90 1.55
N ALA A 231 6.33 6.22 2.52
CA ALA A 231 7.57 5.50 2.32
C ALA A 231 7.49 4.42 1.27
N ASP A 232 8.49 4.37 0.40
CA ASP A 232 8.64 3.31 -0.59
C ASP A 232 7.46 3.06 -1.49
N VAL A 233 6.57 4.03 -1.63
CA VAL A 233 5.45 3.89 -2.54
C VAL A 233 5.46 5.08 -3.51
N PRO A 234 4.73 4.95 -4.64
CA PRO A 234 4.71 6.03 -5.64
C PRO A 234 4.28 7.32 -5.04
N LEU A 235 4.91 8.39 -5.50
CA LEU A 235 4.55 9.75 -5.18
C LEU A 235 3.32 10.12 -5.94
N VAL A 236 2.49 10.95 -5.37
CA VAL A 236 1.39 11.50 -6.11
C VAL A 236 1.59 13.00 -6.24
N VAL A 237 1.51 13.50 -7.47
CA VAL A 237 1.56 14.91 -7.75
C VAL A 237 0.17 15.33 -8.25
N GLU A 238 -0.47 16.25 -7.53
CA GLU A 238 -1.83 16.66 -7.78
C GLU A 238 -2.04 18.15 -8.11
N TYR A 239 -2.64 18.42 -9.27
CA TYR A 239 -3.05 19.77 -9.65
C TYR A 239 -4.59 19.87 -9.65
N LYS A 240 -5.17 20.77 -8.87
CA LYS A 240 -6.60 20.99 -8.96
C LYS A 240 -6.97 21.86 -10.17
N ILE A 241 -7.93 21.40 -10.96
CA ILE A 241 -8.61 22.15 -12.02
C ILE A 241 -9.85 22.75 -11.34
N ALA A 242 -9.87 24.06 -11.19
CA ALA A 242 -10.65 24.66 -10.12
C ALA A 242 -12.10 24.38 -10.21
N ASP A 243 -12.60 23.77 -9.14
CA ASP A 243 -14.00 23.53 -8.99
C ASP A 243 -14.47 22.59 -10.12
N MET A 244 -13.56 21.80 -10.69
CA MET A 244 -13.97 20.83 -11.70
C MET A 244 -13.33 19.45 -11.58
N GLY A 245 -12.17 19.36 -10.97
CA GLY A 245 -11.51 18.10 -10.95
C GLY A 245 -10.04 18.23 -10.76
N HIS A 246 -9.28 17.35 -11.37
CA HIS A 246 -7.89 17.28 -11.04
C HIS A 246 -7.14 16.45 -12.02
N LEU A 247 -5.85 16.71 -12.12
CA LEU A 247 -4.95 15.78 -12.73
C LEU A 247 -3.98 15.27 -11.66
N LYS A 248 -3.88 13.95 -11.54
CA LYS A 248 -2.97 13.31 -10.60
C LYS A 248 -1.94 12.50 -11.32
N TYR A 249 -0.69 12.75 -10.99
CA TYR A 249 0.45 12.04 -11.51
C TYR A 249 1.09 11.22 -10.44
N TYR A 250 1.44 10.00 -10.79
CA TYR A 250 2.04 9.09 -9.84
C TYR A 250 3.42 8.74 -10.30
N LEU A 251 4.35 8.56 -9.39
CA LEU A 251 5.70 8.25 -9.83
C LEU A 251 6.35 7.18 -9.03
N ALA A 252 6.70 6.09 -9.70
CA ALA A 252 7.37 4.98 -9.05
C ALA A 252 8.74 5.39 -8.57
N PRO A 253 9.04 5.08 -7.32
CA PRO A 253 10.27 5.51 -6.68
C PRO A 253 11.49 4.67 -7.02
N LYS A 254 12.67 5.21 -6.70
CA LYS A 254 13.91 4.48 -6.90
C LYS A 254 14.23 3.78 -5.58
N ILE A 255 14.20 2.45 -5.65
CA ILE A 255 14.07 1.53 -4.49
C ILE A 255 13.02 2.04 -3.52
N MET B 1 5.28 -8.45 2.70
CA MET B 1 4.47 -8.91 3.81
C MET B 1 3.10 -8.27 3.69
N PHE B 2 2.09 -9.07 3.98
CA PHE B 2 0.71 -8.72 3.81
C PHE B 2 -0.15 -8.98 5.03
N GLU B 3 -1.00 -8.03 5.39
CA GLU B 3 -1.92 -8.26 6.49
C GLU B 3 -3.20 -7.46 6.28
N ALA B 4 -4.35 -8.14 6.21
CA ALA B 4 -5.61 -7.48 5.95
C ALA B 4 -6.73 -7.91 6.88
N ARG B 5 -7.48 -6.95 7.41
CA ARG B 5 -8.52 -7.24 8.38
C ARG B 5 -9.90 -6.88 7.88
N LEU B 6 -10.78 -7.88 7.88
CA LEU B 6 -12.12 -7.72 7.38
C LEU B 6 -13.11 -7.90 8.52
N VAL B 7 -13.80 -6.83 8.89
CA VAL B 7 -14.81 -6.91 9.92
C VAL B 7 -15.98 -7.78 9.51
N GLN B 8 -16.37 -7.71 8.24
CA GLN B 8 -17.43 -8.57 7.76
C GLN B 8 -16.88 -9.86 7.22
N GLY B 9 -16.42 -10.73 8.12
CA GLY B 9 -15.80 -11.97 7.71
C GLY B 9 -16.64 -12.90 6.88
N SER B 10 -17.96 -12.84 7.06
CA SER B 10 -18.86 -13.73 6.34
C SER B 10 -18.71 -13.55 4.82
N ILE B 11 -18.28 -12.37 4.44
CA ILE B 11 -17.96 -12.06 3.06
C ILE B 11 -16.91 -13.02 2.55
N LEU B 12 -15.90 -13.25 3.35
CA LEU B 12 -14.83 -14.12 2.90
C LEU B 12 -15.22 -15.61 2.90
N LYS B 13 -16.11 -16.00 3.80
CA LYS B 13 -16.66 -17.35 3.82
C LYS B 13 -17.46 -17.63 2.56
N LYS B 14 -18.33 -16.70 2.19
CA LYS B 14 -19.13 -16.87 1.01
C LYS B 14 -18.26 -16.91 -0.20
N VAL B 15 -17.16 -16.17 -0.17
CA VAL B 15 -16.30 -16.07 -1.33
C VAL B 15 -15.70 -17.44 -1.57
N LEU B 16 -15.37 -18.19 -0.54
CA LEU B 16 -14.72 -19.44 -0.85
C LEU B 16 -15.71 -20.53 -1.13
N GLU B 17 -16.92 -20.41 -0.59
CA GLU B 17 -18.03 -21.27 -1.02
C GLU B 17 -18.36 -21.07 -2.49
N ALA B 18 -18.21 -19.86 -2.97
CA ALA B 18 -18.47 -19.59 -4.37
C ALA B 18 -17.41 -20.15 -5.32
N LEU B 19 -16.25 -20.55 -4.85
CA LEU B 19 -15.15 -20.86 -5.74
C LEU B 19 -14.78 -22.31 -5.68
N LYS B 20 -14.87 -22.86 -4.49
CA LYS B 20 -14.29 -24.15 -4.17
C LYS B 20 -14.84 -25.29 -5.01
N ASP B 21 -16.09 -25.17 -5.48
CA ASP B 21 -16.75 -26.25 -6.22
C ASP B 21 -16.39 -26.24 -7.69
N LEU B 22 -16.03 -25.06 -8.18
CA LEU B 22 -15.66 -24.85 -9.56
C LEU B 22 -14.15 -24.97 -9.80
N ILE B 23 -13.35 -24.46 -8.87
CA ILE B 23 -11.91 -24.59 -8.99
C ILE B 23 -11.28 -25.07 -7.67
N ASN B 24 -10.40 -26.07 -7.70
CA ASN B 24 -9.81 -26.56 -6.45
C ASN B 24 -8.54 -25.81 -6.03
N GLU B 25 -7.87 -25.20 -7.01
CA GLU B 25 -6.58 -24.52 -6.79
C GLU B 25 -6.44 -23.21 -7.58
N ALA B 26 -6.02 -22.15 -6.90
CA ALA B 26 -5.79 -20.85 -7.55
C ALA B 26 -4.63 -20.04 -6.98
N CYS B 27 -4.18 -19.08 -7.76
CA CYS B 27 -3.16 -18.14 -7.32
C CYS B 27 -3.81 -16.87 -6.80
N TRP B 28 -3.38 -16.45 -5.63
CA TRP B 28 -3.85 -15.23 -5.03
C TRP B 28 -2.80 -14.13 -5.16
N ASP B 29 -3.16 -13.12 -5.92
CA ASP B 29 -2.27 -12.01 -6.21
C ASP B 29 -2.57 -10.91 -5.24
N ILE B 30 -1.62 -10.66 -4.35
CA ILE B 30 -1.78 -9.64 -3.33
C ILE B 30 -0.94 -8.46 -3.79
N SER B 31 -1.49 -7.27 -3.69
CA SER B 31 -0.83 -6.07 -4.10
C SER B 31 -1.34 -4.98 -3.19
N SER B 32 -0.88 -3.76 -3.38
CA SER B 32 -1.40 -2.64 -2.61
C SER B 32 -2.84 -2.31 -3.05
N SER B 33 -3.24 -2.77 -4.22
CA SER B 33 -4.56 -2.46 -4.69
C SER B 33 -5.53 -3.35 -3.95
N GLY B 34 -5.12 -4.58 -3.68
CA GLY B 34 -5.97 -5.50 -3.00
C GLY B 34 -5.70 -6.89 -3.47
N VAL B 35 -6.71 -7.75 -3.31
CA VAL B 35 -6.61 -9.17 -3.61
C VAL B 35 -7.30 -9.47 -4.92
N ASN B 36 -6.60 -10.17 -5.80
CA ASN B 36 -7.12 -10.50 -7.09
C ASN B 36 -6.83 -11.96 -7.37
N LEU B 37 -7.78 -12.67 -7.93
CA LEU B 37 -7.58 -14.05 -8.30
C LEU B 37 -8.22 -14.33 -9.66
N GLN B 38 -7.57 -15.12 -10.51
CA GLN B 38 -8.12 -15.51 -11.79
C GLN B 38 -7.78 -16.96 -12.11
N SER B 39 -8.77 -17.77 -12.48
CA SER B 39 -8.50 -19.17 -12.78
C SER B 39 -9.58 -19.80 -13.64
N MET B 40 -9.16 -20.61 -14.61
CA MET B 40 -10.04 -21.48 -15.37
C MET B 40 -10.30 -22.76 -14.61
N ASP B 41 -11.42 -23.39 -14.92
CA ASP B 41 -11.67 -24.71 -14.38
C ASP B 41 -10.93 -25.68 -15.28
N SER B 42 -10.90 -26.95 -14.88
CA SER B 42 -10.22 -28.04 -15.59
C SER B 42 -10.58 -28.20 -17.07
N SER B 43 -11.77 -27.76 -17.45
CA SER B 43 -12.21 -27.97 -18.82
C SER B 43 -11.92 -26.76 -19.65
N HIS B 44 -11.54 -25.70 -18.96
CA HIS B 44 -11.16 -24.45 -19.59
C HIS B 44 -12.35 -23.81 -20.25
N VAL B 45 -13.54 -24.27 -19.92
CA VAL B 45 -14.74 -23.72 -20.53
C VAL B 45 -15.10 -22.49 -19.76
N SER B 46 -14.70 -22.43 -18.50
CA SER B 46 -15.08 -21.29 -17.70
C SER B 46 -13.92 -20.69 -16.92
N LEU B 47 -14.18 -19.52 -16.35
CA LEU B 47 -13.19 -18.79 -15.62
C LEU B 47 -13.84 -17.95 -14.50
N VAL B 48 -13.09 -17.75 -13.40
CA VAL B 48 -13.48 -16.89 -12.27
C VAL B 48 -12.46 -15.77 -12.10
N GLN B 49 -12.90 -14.58 -11.78
CA GLN B 49 -11.98 -13.52 -11.63
C GLN B 49 -12.52 -12.83 -10.38
N LEU B 50 -11.72 -12.76 -9.33
CA LEU B 50 -12.13 -12.17 -8.05
C LEU B 50 -11.39 -10.88 -7.84
N THR B 51 -12.05 -9.89 -7.26
CA THR B 51 -11.39 -8.65 -7.00
C THR B 51 -11.83 -8.05 -5.69
N LEU B 52 -10.90 -7.90 -4.75
CA LEU B 52 -11.22 -7.33 -3.46
C LEU B 52 -10.34 -6.13 -3.21
N ARG B 53 -10.91 -4.94 -3.27
CA ARG B 53 -10.16 -3.71 -3.12
C ARG B 53 -9.73 -3.47 -1.70
N SER B 54 -8.50 -3.02 -1.51
CA SER B 54 -7.95 -2.81 -0.17
C SER B 54 -8.75 -1.83 0.68
N GLU B 55 -9.55 -0.99 0.06
CA GLU B 55 -10.33 -0.03 0.85
C GLU B 55 -11.55 -0.70 1.40
N GLY B 56 -11.81 -1.93 0.96
CA GLY B 56 -12.90 -2.68 1.54
C GLY B 56 -12.59 -3.26 2.90
N PHE B 57 -11.31 -3.32 3.22
CA PHE B 57 -10.89 -3.86 4.48
C PHE B 57 -10.80 -2.80 5.52
N ASP B 58 -11.01 -3.22 6.76
CA ASP B 58 -10.87 -2.38 7.94
C ASP B 58 -9.46 -1.79 7.96
N THR B 59 -8.47 -2.65 7.76
CA THR B 59 -7.11 -2.26 7.58
C THR B 59 -6.48 -3.15 6.52
N TYR B 60 -5.54 -2.60 5.75
CA TYR B 60 -4.84 -3.30 4.69
C TYR B 60 -3.40 -2.81 4.58
N ARG B 61 -2.48 -3.75 4.45
CA ARG B 61 -1.06 -3.46 4.26
C ARG B 61 -0.37 -4.52 3.39
N CYS B 62 0.31 -4.09 2.34
CA CYS B 62 1.06 -5.00 1.52
C CYS B 62 2.39 -4.35 1.15
N ASP B 63 3.50 -4.91 1.59
CA ASP B 63 4.82 -4.38 1.25
C ASP B 63 5.18 -4.74 -0.17
N ARG B 64 5.24 -6.03 -0.41
CA ARG B 64 5.73 -6.53 -1.66
C ARG B 64 4.61 -7.32 -2.35
N ASN B 65 4.56 -7.29 -3.67
CA ASN B 65 3.55 -8.07 -4.34
C ASN B 65 3.73 -9.55 -4.03
N LEU B 66 2.63 -10.23 -3.68
CA LEU B 66 2.60 -11.66 -3.31
C LEU B 66 1.75 -12.48 -4.25
N ALA B 67 2.24 -13.64 -4.61
CA ALA B 67 1.46 -14.58 -5.37
C ALA B 67 1.34 -15.88 -4.59
N MET B 68 0.22 -16.12 -3.95
CA MET B 68 0.12 -17.29 -3.11
C MET B 68 -0.68 -18.36 -3.81
N GLY B 69 -0.08 -19.52 -4.04
CA GLY B 69 -0.78 -20.67 -4.58
C GLY B 69 -1.52 -21.43 -3.49
N VAL B 70 -2.83 -21.56 -3.62
CA VAL B 70 -3.70 -22.07 -2.54
C VAL B 70 -4.64 -23.19 -2.96
N ASN B 71 -4.68 -24.27 -2.20
CA ASN B 71 -5.70 -25.29 -2.36
C ASN B 71 -7.02 -24.76 -1.79
N LEU B 72 -8.02 -24.52 -2.65
CA LEU B 72 -9.24 -23.84 -2.24
C LEU B 72 -10.08 -24.73 -1.35
N THR B 73 -9.94 -26.02 -1.54
CA THR B 73 -10.52 -27.01 -0.68
C THR B 73 -10.05 -26.89 0.78
N SER B 74 -8.76 -26.68 0.98
CA SER B 74 -8.20 -26.54 2.31
C SER B 74 -8.60 -25.22 2.90
N MET B 75 -8.65 -24.22 2.07
CA MET B 75 -8.94 -22.89 2.55
C MET B 75 -10.38 -22.80 2.95
N SER B 76 -11.23 -23.57 2.27
CA SER B 76 -12.65 -23.59 2.55
C SER B 76 -12.95 -24.29 3.85
N LYS B 77 -12.30 -25.42 4.07
CA LYS B 77 -12.40 -26.11 5.35
C LYS B 77 -11.97 -25.16 6.43
N ILE B 78 -10.85 -24.50 6.22
CA ILE B 78 -10.34 -23.59 7.20
C ILE B 78 -11.35 -22.49 7.43
N LEU B 79 -11.97 -21.98 6.38
CA LEU B 79 -12.90 -20.88 6.55
C LEU B 79 -14.23 -21.33 7.10
N LYS B 80 -14.48 -22.61 7.04
CA LYS B 80 -15.68 -23.14 7.70
C LYS B 80 -15.54 -23.06 9.21
N CYS B 81 -14.31 -22.84 9.69
CA CYS B 81 -14.08 -22.78 11.12
C CYS B 81 -14.32 -21.41 11.66
N ALA B 82 -14.80 -20.50 10.82
CA ALA B 82 -15.17 -19.18 11.29
C ALA B 82 -16.68 -19.04 11.42
N GLY B 83 -17.12 -18.30 12.43
CA GLY B 83 -18.53 -18.06 12.62
C GLY B 83 -18.89 -16.92 11.70
N ASN B 84 -20.17 -16.71 11.43
CA ASN B 84 -20.62 -15.71 10.45
C ASN B 84 -20.46 -14.23 10.84
N GLU B 85 -20.20 -13.98 12.11
CA GLU B 85 -20.10 -12.63 12.65
C GLU B 85 -18.67 -12.30 13.04
N ASP B 86 -17.73 -13.17 12.66
CA ASP B 86 -16.32 -13.00 12.97
C ASP B 86 -15.54 -11.92 12.17
N ILE B 87 -14.60 -11.23 12.81
CA ILE B 87 -13.59 -10.41 12.14
C ILE B 87 -12.38 -11.24 11.71
N ILE B 88 -12.10 -11.25 10.42
CA ILE B 88 -11.07 -12.14 9.87
C ILE B 88 -9.80 -11.43 9.46
N THR B 89 -8.68 -11.99 9.86
CA THR B 89 -7.41 -11.45 9.42
C THR B 89 -6.62 -12.49 8.63
N LEU B 90 -6.14 -12.04 7.48
CA LEU B 90 -5.18 -12.79 6.69
C LEU B 90 -3.82 -12.16 6.87
N ARG B 91 -2.77 -12.97 6.86
CA ARG B 91 -1.43 -12.44 6.99
C ARG B 91 -0.39 -13.37 6.40
N ALA B 92 0.55 -12.79 5.67
CA ALA B 92 1.64 -13.56 5.13
C ALA B 92 2.93 -12.76 5.17
N GLU B 93 4.02 -13.49 5.31
CA GLU B 93 5.35 -12.92 5.30
C GLU B 93 5.83 -12.87 3.86
N ASP B 94 6.97 -12.24 3.64
CA ASP B 94 7.51 -11.95 2.32
C ASP B 94 7.84 -13.19 1.50
N ASN B 95 8.53 -14.14 2.10
CA ASN B 95 8.62 -15.44 1.50
C ASN B 95 7.97 -16.35 2.47
N ALA B 96 6.66 -16.45 2.34
CA ALA B 96 5.90 -17.17 3.31
C ALA B 96 5.63 -18.52 2.71
N ASP B 97 5.73 -19.54 3.55
CA ASP B 97 5.41 -20.87 3.08
C ASP B 97 3.95 -21.12 3.41
N THR B 98 3.38 -20.25 4.23
CA THR B 98 2.03 -20.44 4.69
C THR B 98 1.26 -19.17 4.75
N LEU B 99 -0.04 -19.30 4.89
CA LEU B 99 -0.90 -18.17 5.14
C LEU B 99 -1.57 -18.30 6.50
N ALA B 100 -1.60 -17.21 7.24
CA ALA B 100 -2.22 -17.21 8.54
C ALA B 100 -3.59 -16.61 8.47
N LEU B 101 -4.57 -17.35 8.98
CA LEU B 101 -5.93 -16.85 9.05
C LEU B 101 -6.40 -16.80 10.49
N VAL B 102 -6.77 -15.62 10.95
CA VAL B 102 -7.04 -15.42 12.35
C VAL B 102 -8.46 -14.95 12.59
N PHE B 103 -9.23 -15.70 13.38
CA PHE B 103 -10.66 -15.41 13.52
C PHE B 103 -11.00 -14.85 14.89
N GLU B 104 -11.56 -13.64 14.95
CA GLU B 104 -11.91 -13.03 16.24
C GLU B 104 -13.40 -12.94 16.45
N ALA B 105 -13.85 -13.48 17.58
CA ALA B 105 -15.27 -13.52 17.94
C ALA B 105 -15.81 -12.21 18.48
N PRO B 106 -17.13 -12.04 18.43
CA PRO B 106 -17.86 -10.86 18.90
C PRO B 106 -17.94 -10.68 20.43
N ASN B 107 -17.41 -11.62 21.20
CA ASN B 107 -17.45 -11.48 22.64
C ASN B 107 -16.07 -11.10 23.15
N GLN B 108 -15.14 -10.97 22.20
CA GLN B 108 -13.79 -10.58 22.51
C GLN B 108 -13.10 -11.65 23.36
N GLU B 109 -13.76 -12.78 23.55
CA GLU B 109 -13.23 -13.82 24.41
C GLU B 109 -12.76 -15.03 23.65
N LYS B 110 -13.08 -15.09 22.37
CA LYS B 110 -12.71 -16.24 21.57
C LYS B 110 -11.91 -15.84 20.34
N VAL B 111 -10.80 -16.51 20.13
CA VAL B 111 -9.91 -16.26 19.02
C VAL B 111 -9.32 -17.56 18.50
N SER B 112 -9.32 -17.74 17.19
CA SER B 112 -8.74 -18.91 16.53
C SER B 112 -7.57 -18.54 15.61
N ASP B 113 -6.52 -19.33 15.59
CA ASP B 113 -5.35 -19.04 14.76
C ASP B 113 -5.15 -20.21 13.82
N TYR B 114 -5.29 -19.99 12.52
CA TYR B 114 -5.09 -21.09 11.57
C TYR B 114 -3.95 -20.79 10.67
N GLU B 115 -3.37 -21.83 10.13
CA GLU B 115 -2.16 -21.65 9.40
C GLU B 115 -2.15 -22.59 8.24
N MET B 116 -2.27 -22.05 7.05
CA MET B 116 -2.48 -22.89 5.89
C MET B 116 -1.25 -23.04 5.05
N LYS B 117 -0.88 -24.27 4.72
CA LYS B 117 0.22 -24.50 3.80
C LYS B 117 -0.07 -24.03 2.36
N LEU B 118 0.92 -23.43 1.74
CA LEU B 118 0.84 -23.04 0.34
C LEU B 118 1.39 -24.13 -0.57
N MET B 119 1.26 -23.92 -1.87
CA MET B 119 1.70 -24.92 -2.82
C MET B 119 2.22 -24.29 -4.05
N ASP B 120 2.95 -25.10 -4.81
CA ASP B 120 3.44 -24.75 -6.11
C ASP B 120 2.31 -24.96 -7.11
N LEU B 121 2.05 -23.96 -7.93
CA LEU B 121 1.01 -24.07 -8.94
C LEU B 121 1.63 -23.90 -10.33
N ASP B 122 1.00 -24.47 -11.33
CA ASP B 122 1.34 -24.16 -12.71
C ASP B 122 0.14 -23.55 -13.42
N VAL B 123 -0.01 -22.24 -13.29
CA VAL B 123 -1.20 -21.53 -13.72
C VAL B 123 -1.14 -21.19 -15.19
N GLU B 124 -2.28 -20.86 -15.77
CA GLU B 124 -2.30 -20.35 -17.13
C GLU B 124 -3.22 -19.15 -17.19
N GLN B 125 -2.66 -17.96 -17.16
CA GLN B 125 -3.52 -16.79 -17.08
C GLN B 125 -4.01 -16.45 -18.43
N LEU B 126 -5.27 -16.06 -18.50
CA LEU B 126 -5.83 -15.61 -19.75
C LEU B 126 -5.75 -14.13 -19.76
N GLY B 127 -5.63 -13.57 -20.95
CA GLY B 127 -5.68 -12.15 -21.07
C GLY B 127 -7.10 -11.73 -21.27
N ILE B 128 -7.75 -11.39 -20.17
CA ILE B 128 -9.14 -11.01 -20.22
C ILE B 128 -9.28 -9.55 -20.05
N PRO B 129 -9.62 -8.89 -21.16
CA PRO B 129 -9.85 -7.46 -21.25
C PRO B 129 -11.20 -7.10 -20.76
N GLU B 130 -11.37 -5.93 -20.17
CA GLU B 130 -12.72 -5.43 -20.00
C GLU B 130 -13.10 -4.69 -21.27
N GLN B 131 -13.99 -5.31 -22.05
CA GLN B 131 -14.50 -4.78 -23.28
C GLN B 131 -15.86 -4.20 -22.96
N GLU B 132 -16.54 -3.62 -23.94
CA GLU B 132 -17.96 -3.31 -23.76
C GLU B 132 -18.68 -4.42 -24.51
N TYR B 133 -19.82 -4.88 -24.01
CA TYR B 133 -20.39 -6.12 -24.55
C TYR B 133 -21.72 -6.01 -25.27
N SER B 134 -22.34 -4.83 -25.24
CA SER B 134 -23.61 -4.57 -25.93
C SER B 134 -24.86 -5.11 -25.26
N CYS B 135 -24.71 -5.93 -24.23
CA CYS B 135 -25.89 -6.53 -23.60
C CYS B 135 -25.64 -6.75 -22.12
N VAL B 136 -26.45 -6.09 -21.32
CA VAL B 136 -26.34 -6.13 -19.88
C VAL B 136 -27.68 -6.29 -19.26
N VAL B 137 -27.88 -7.43 -18.63
CA VAL B 137 -29.09 -7.73 -17.96
C VAL B 137 -28.90 -7.73 -16.49
N LYS B 138 -29.71 -6.96 -15.80
CA LYS B 138 -29.72 -6.93 -14.36
C LYS B 138 -31.01 -7.45 -13.75
N MET B 139 -30.89 -8.38 -12.80
CA MET B 139 -32.02 -9.06 -12.20
C MET B 139 -31.70 -9.55 -10.79
N PRO B 140 -32.70 -9.95 -9.99
CA PRO B 140 -32.52 -10.64 -8.71
C PRO B 140 -31.65 -11.89 -8.81
N SER B 141 -30.72 -12.09 -7.89
CA SER B 141 -29.81 -13.24 -7.98
C SER B 141 -30.48 -14.56 -7.72
N GLY B 142 -31.51 -14.54 -6.88
CA GLY B 142 -32.23 -15.75 -6.54
C GLY B 142 -33.04 -16.19 -7.73
N GLU B 143 -33.63 -15.22 -8.40
CA GLU B 143 -34.38 -15.47 -9.59
C GLU B 143 -33.53 -16.24 -10.58
N PHE B 144 -32.34 -15.75 -10.82
CA PHE B 144 -31.44 -16.36 -11.79
C PHE B 144 -31.05 -17.77 -11.41
N ALA B 145 -30.75 -18.00 -10.13
CA ALA B 145 -30.36 -19.31 -9.64
C ALA B 145 -31.45 -20.36 -9.82
N ARG B 146 -32.66 -19.99 -9.44
CA ARG B 146 -33.85 -20.82 -9.61
C ARG B 146 -34.03 -21.21 -11.07
N ILE B 147 -33.97 -20.23 -11.95
CA ILE B 147 -34.13 -20.46 -13.37
C ILE B 147 -33.12 -21.47 -13.87
N CYS B 148 -31.88 -21.31 -13.48
CA CYS B 148 -30.83 -22.20 -13.93
C CYS B 148 -31.06 -23.58 -13.37
N ARG B 149 -31.59 -23.62 -12.14
CA ARG B 149 -31.80 -24.89 -11.51
C ARG B 149 -32.93 -25.64 -12.16
N ASP B 150 -34.05 -24.95 -12.31
CA ASP B 150 -35.22 -25.51 -12.94
C ASP B 150 -34.92 -26.09 -14.32
N LEU B 151 -34.36 -25.28 -15.20
CA LEU B 151 -34.10 -25.72 -16.56
C LEU B 151 -33.04 -26.82 -16.58
N SER B 152 -32.30 -27.01 -15.51
CA SER B 152 -31.34 -28.11 -15.46
C SER B 152 -32.08 -29.41 -15.49
N HIS B 153 -33.38 -29.37 -15.16
CA HIS B 153 -34.24 -30.56 -15.16
C HIS B 153 -34.64 -30.99 -16.56
N ILE B 154 -34.69 -30.01 -17.45
CA ILE B 154 -35.20 -30.20 -18.79
C ILE B 154 -34.13 -30.64 -19.77
N GLY B 155 -33.02 -29.93 -19.79
CA GLY B 155 -31.97 -30.18 -20.77
C GLY B 155 -30.59 -29.70 -20.37
N ASP B 156 -29.63 -29.95 -21.25
CA ASP B 156 -28.21 -29.71 -21.02
C ASP B 156 -27.78 -28.24 -21.14
N ALA B 157 -28.39 -27.53 -22.08
CA ALA B 157 -28.00 -26.19 -22.51
C ALA B 157 -29.12 -25.20 -22.37
N VAL B 158 -28.82 -23.94 -22.11
CA VAL B 158 -29.87 -22.92 -22.12
C VAL B 158 -29.67 -21.99 -23.30
N VAL B 159 -30.74 -21.62 -23.96
CA VAL B 159 -30.63 -20.63 -24.99
C VAL B 159 -31.06 -19.30 -24.38
N ILE B 160 -30.11 -18.38 -24.34
CA ILE B 160 -30.35 -17.06 -23.81
C ILE B 160 -30.59 -16.11 -24.93
N SER B 161 -31.79 -15.56 -24.92
CA SER B 161 -32.22 -14.68 -25.95
C SER B 161 -32.50 -13.37 -25.28
N CYS B 162 -31.79 -12.36 -25.70
CA CYS B 162 -31.97 -11.10 -25.07
C CYS B 162 -32.58 -10.10 -26.02
N ALA B 163 -33.57 -9.38 -25.53
CA ALA B 163 -34.12 -8.23 -26.20
C ALA B 163 -34.37 -7.14 -25.16
N LYS B 164 -34.80 -5.97 -25.60
CA LYS B 164 -35.00 -4.81 -24.73
C LYS B 164 -36.27 -4.98 -23.92
N ASP B 165 -37.10 -5.85 -24.47
CA ASP B 165 -38.41 -6.15 -24.00
C ASP B 165 -38.26 -6.97 -22.73
N GLY B 166 -37.34 -7.91 -22.78
CA GLY B 166 -37.09 -8.77 -21.67
C GLY B 166 -36.06 -9.74 -22.13
N VAL B 167 -35.82 -10.77 -21.35
CA VAL B 167 -34.85 -11.80 -21.66
C VAL B 167 -35.59 -13.10 -21.56
N LYS B 168 -35.24 -14.06 -22.42
CA LYS B 168 -35.93 -15.32 -22.44
C LYS B 168 -34.93 -16.42 -22.29
N PHE B 169 -35.27 -17.41 -21.47
CA PHE B 169 -34.47 -18.62 -21.32
C PHE B 169 -35.26 -19.85 -21.72
N SER B 170 -34.61 -20.75 -22.43
CA SER B 170 -35.23 -21.91 -23.01
C SER B 170 -34.33 -23.14 -23.03
N ALA B 171 -34.86 -24.31 -22.68
CA ALA B 171 -34.13 -25.58 -22.79
C ALA B 171 -35.00 -26.71 -23.37
N SER B 172 -34.37 -27.76 -23.89
CA SER B 172 -35.07 -28.91 -24.46
C SER B 172 -34.35 -30.20 -24.20
N GLY B 173 -35.09 -31.22 -23.84
CA GLY B 173 -34.46 -32.50 -23.63
C GLY B 173 -35.39 -33.57 -24.18
N GLU B 174 -35.05 -34.82 -23.95
CA GLU B 174 -35.87 -35.89 -24.45
C GLU B 174 -37.31 -35.82 -23.94
N LEU B 175 -37.53 -35.17 -22.81
CA LEU B 175 -38.85 -35.10 -22.23
C LEU B 175 -39.67 -33.93 -22.82
N GLY B 176 -39.03 -33.02 -23.53
CA GLY B 176 -39.73 -31.86 -24.03
C GLY B 176 -38.87 -30.63 -23.93
N ASN B 177 -39.51 -29.48 -23.84
CA ASN B 177 -38.78 -28.23 -23.75
C ASN B 177 -39.42 -27.26 -22.80
N GLY B 178 -38.65 -26.29 -22.32
CA GLY B 178 -39.18 -25.31 -21.40
C GLY B 178 -38.77 -23.93 -21.81
N ASN B 179 -39.57 -22.92 -21.48
CA ASN B 179 -39.26 -21.55 -21.84
C ASN B 179 -39.59 -20.54 -20.74
N ILE B 180 -38.59 -19.83 -20.26
CA ILE B 180 -38.85 -18.82 -19.24
C ILE B 180 -38.66 -17.41 -19.75
N LYS B 181 -39.65 -16.56 -19.51
CA LYS B 181 -39.63 -15.24 -20.05
C LYS B 181 -39.80 -14.21 -18.95
N LEU B 182 -38.76 -13.43 -18.77
CA LEU B 182 -38.73 -12.32 -17.85
C LEU B 182 -38.80 -11.01 -18.58
N SER B 183 -39.82 -10.23 -18.24
CA SER B 183 -39.99 -8.93 -18.85
C SER B 183 -39.10 -7.94 -18.17
N GLN B 184 -38.70 -6.89 -18.88
CA GLN B 184 -38.14 -5.75 -18.21
C GLN B 184 -39.18 -5.27 -17.21
N THR B 185 -38.76 -5.05 -15.96
CA THR B 185 -39.67 -4.53 -14.94
C THR B 185 -40.00 -3.09 -15.25
N SER B 186 -41.28 -2.78 -15.36
CA SER B 186 -41.72 -1.49 -15.85
C SER B 186 -41.77 -0.45 -14.79
N ASN B 187 -42.27 -0.82 -13.63
CA ASN B 187 -42.27 0.14 -12.55
C ASN B 187 -41.14 -0.12 -11.61
N VAL B 188 -39.99 0.46 -11.89
CA VAL B 188 -38.83 0.11 -11.11
C VAL B 188 -38.77 0.96 -9.86
N ASP B 189 -38.97 0.30 -8.72
CA ASP B 189 -38.84 0.94 -7.40
C ASP B 189 -37.51 0.58 -6.74
N LYS B 190 -37.40 -0.63 -6.24
CA LYS B 190 -36.19 -1.07 -5.56
C LYS B 190 -35.41 -1.92 -6.54
N GLU B 191 -34.11 -1.66 -6.56
CA GLU B 191 -33.17 -2.17 -7.55
C GLU B 191 -33.09 -3.68 -7.55
N GLU B 192 -33.15 -4.28 -6.36
CA GLU B 192 -32.77 -5.66 -6.22
C GLU B 192 -33.85 -6.59 -6.64
N GLU B 193 -35.06 -6.04 -6.81
CA GLU B 193 -36.22 -6.84 -7.18
C GLU B 193 -36.59 -6.69 -8.64
N ALA B 194 -36.00 -5.68 -9.29
CA ALA B 194 -36.35 -5.31 -10.66
C ALA B 194 -35.49 -6.03 -11.68
N VAL B 195 -36.01 -6.13 -12.90
CA VAL B 195 -35.26 -6.64 -14.03
C VAL B 195 -35.04 -5.52 -15.02
N THR B 196 -33.78 -5.16 -15.25
CA THR B 196 -33.49 -4.08 -16.19
C THR B 196 -32.53 -4.55 -17.25
N ILE B 197 -32.77 -4.10 -18.47
CA ILE B 197 -31.97 -4.52 -19.60
C ILE B 197 -31.35 -3.27 -20.23
N GLU B 198 -30.05 -3.39 -20.52
CA GLU B 198 -29.26 -2.35 -21.13
C GLU B 198 -28.66 -2.92 -22.41
N MET B 199 -29.02 -2.38 -23.57
CA MET B 199 -28.71 -3.13 -24.78
C MET B 199 -28.57 -2.38 -26.11
N ASN B 200 -27.62 -2.85 -26.92
CA ASN B 200 -27.46 -2.33 -28.28
C ASN B 200 -28.04 -3.25 -29.30
N GLU B 201 -27.66 -4.51 -29.23
CA GLU B 201 -28.10 -5.48 -30.21
C GLU B 201 -28.70 -6.68 -29.51
N PRO B 202 -29.82 -7.20 -30.02
CA PRO B 202 -30.38 -8.45 -29.51
C PRO B 202 -29.37 -9.55 -29.59
N VAL B 203 -29.13 -10.20 -28.48
CA VAL B 203 -28.16 -11.26 -28.47
C VAL B 203 -28.86 -12.56 -28.17
N GLN B 204 -28.41 -13.62 -28.79
CA GLN B 204 -28.94 -14.91 -28.46
C GLN B 204 -27.81 -15.87 -28.40
N LEU B 205 -27.69 -16.53 -27.25
CA LEU B 205 -26.56 -17.40 -26.99
C LEU B 205 -26.94 -18.67 -26.29
N THR B 206 -26.16 -19.71 -26.55
CA THR B 206 -26.38 -21.01 -25.94
C THR B 206 -25.21 -21.46 -25.05
N PHE B 207 -25.53 -21.77 -23.80
CA PHE B 207 -24.53 -22.09 -22.80
C PHE B 207 -24.86 -23.39 -22.06
N ALA B 208 -23.84 -23.96 -21.42
CA ALA B 208 -24.00 -25.18 -20.62
C ALA B 208 -24.53 -24.87 -19.23
N LEU B 209 -25.67 -25.48 -18.88
CA LEU B 209 -26.32 -25.23 -17.59
C LEU B 209 -25.46 -25.73 -16.45
N ARG B 210 -24.68 -26.75 -16.75
CA ARG B 210 -23.77 -27.34 -15.79
C ARG B 210 -22.94 -26.28 -15.06
N TYR B 211 -22.32 -25.39 -15.83
CA TYR B 211 -21.41 -24.41 -15.27
C TYR B 211 -22.17 -23.32 -14.57
N LEU B 212 -23.28 -22.88 -15.16
CA LEU B 212 -24.04 -21.79 -14.58
C LEU B 212 -24.52 -22.09 -13.17
N ASN B 213 -24.79 -23.35 -12.92
CA ASN B 213 -25.23 -23.73 -11.61
C ASN B 213 -24.05 -23.71 -10.64
N PHE B 214 -22.85 -23.71 -11.19
CA PHE B 214 -21.70 -23.43 -10.38
C PHE B 214 -21.64 -21.95 -10.05
N PHE B 215 -21.89 -21.10 -11.03
CA PHE B 215 -21.74 -19.67 -10.83
C PHE B 215 -22.66 -19.22 -9.74
N THR B 216 -23.82 -19.83 -9.67
CA THR B 216 -24.87 -19.31 -8.81
C THR B 216 -24.65 -19.66 -7.33
N LYS B 217 -23.53 -20.34 -7.02
CA LYS B 217 -23.13 -20.55 -5.63
C LYS B 217 -22.65 -19.26 -4.98
N ALA B 218 -22.44 -18.24 -5.81
CA ALA B 218 -22.07 -16.94 -5.33
C ALA B 218 -23.28 -16.12 -4.92
N THR B 219 -24.47 -16.66 -5.15
CA THR B 219 -25.71 -15.94 -4.85
C THR B 219 -25.79 -15.28 -3.47
N PRO B 220 -25.27 -15.91 -2.40
CA PRO B 220 -25.42 -15.21 -1.11
C PRO B 220 -24.66 -13.92 -0.98
N LEU B 221 -23.84 -13.58 -1.96
CA LEU B 221 -23.04 -12.36 -1.90
C LEU B 221 -23.82 -11.11 -2.30
N SER B 222 -24.88 -11.29 -3.05
CA SER B 222 -25.66 -10.17 -3.58
C SER B 222 -27.10 -10.52 -3.90
N SER B 223 -27.97 -9.51 -3.73
CA SER B 223 -29.38 -9.60 -4.09
C SER B 223 -29.55 -9.58 -5.61
N THR B 224 -28.56 -9.03 -6.30
CA THR B 224 -28.64 -8.87 -7.75
C THR B 224 -27.49 -9.52 -8.46
N VAL B 225 -27.75 -9.92 -9.70
CA VAL B 225 -26.77 -10.49 -10.59
C VAL B 225 -26.95 -9.80 -11.93
N THR B 226 -25.87 -9.69 -12.68
CA THR B 226 -25.91 -9.03 -13.97
C THR B 226 -25.25 -9.91 -15.00
N LEU B 227 -25.87 -10.06 -16.15
CA LEU B 227 -25.27 -10.89 -17.15
C LEU B 227 -24.78 -10.00 -18.25
N ILE B 228 -23.57 -10.27 -18.71
CA ILE B 228 -22.98 -9.44 -19.71
C ILE B 228 -22.73 -10.33 -20.90
N MET B 229 -23.43 -10.01 -21.96
CA MET B 229 -23.44 -10.91 -23.07
C MET B 229 -23.07 -10.18 -24.31
N SER B 230 -22.35 -10.87 -25.17
CA SER B 230 -22.10 -10.28 -26.44
C SER B 230 -22.15 -11.42 -27.44
N ALA B 231 -22.46 -11.10 -28.68
CA ALA B 231 -22.66 -12.11 -29.69
C ALA B 231 -21.41 -12.93 -29.91
N ASP B 232 -21.60 -14.25 -29.96
CA ASP B 232 -20.58 -15.21 -30.33
C ASP B 232 -19.33 -15.25 -29.44
N VAL B 233 -19.43 -14.62 -28.27
CA VAL B 233 -18.35 -14.58 -27.28
C VAL B 233 -18.82 -15.02 -25.85
N PRO B 234 -17.88 -15.33 -24.94
CA PRO B 234 -18.21 -15.81 -23.60
C PRO B 234 -19.16 -14.92 -22.80
N LEU B 235 -19.99 -15.55 -21.97
CA LEU B 235 -20.85 -14.84 -21.04
C LEU B 235 -20.11 -14.35 -19.85
N VAL B 236 -20.54 -13.22 -19.33
CA VAL B 236 -20.06 -12.74 -18.07
C VAL B 236 -21.20 -12.71 -17.07
N VAL B 237 -20.96 -13.39 -15.95
CA VAL B 237 -21.88 -13.41 -14.82
C VAL B 237 -21.23 -12.73 -13.60
N GLU B 238 -21.83 -11.65 -13.15
CA GLU B 238 -21.24 -10.78 -12.16
C GLU B 238 -21.99 -10.61 -10.85
N TYR B 239 -21.29 -10.91 -9.76
CA TYR B 239 -21.76 -10.62 -8.42
C TYR B 239 -20.93 -9.53 -7.70
N LYS B 240 -21.59 -8.46 -7.27
CA LYS B 240 -20.99 -7.40 -6.46
C LYS B 240 -20.78 -7.79 -4.99
N ILE B 241 -19.55 -7.56 -4.52
CA ILE B 241 -19.17 -7.58 -3.12
C ILE B 241 -19.08 -6.14 -2.56
N ALA B 242 -19.95 -5.78 -1.62
CA ALA B 242 -20.21 -4.38 -1.26
C ALA B 242 -18.97 -3.69 -0.72
N ASP B 243 -18.59 -2.56 -1.30
CA ASP B 243 -17.41 -1.82 -0.84
C ASP B 243 -16.14 -2.63 -1.02
N MET B 244 -16.15 -3.63 -1.88
CA MET B 244 -14.90 -4.36 -2.02
C MET B 244 -14.50 -4.78 -3.41
N GLY B 245 -15.46 -4.96 -4.30
CA GLY B 245 -15.10 -5.55 -5.55
C GLY B 245 -16.16 -6.43 -6.12
N HIS B 246 -15.74 -7.54 -6.71
CA HIS B 246 -16.62 -8.34 -7.52
C HIS B 246 -16.11 -9.74 -7.69
N LEU B 247 -17.03 -10.63 -7.96
CA LEU B 247 -16.71 -11.95 -8.43
C LEU B 247 -17.30 -12.01 -9.82
N LYS B 248 -16.50 -12.37 -10.82
CA LYS B 248 -16.95 -12.49 -12.19
C LYS B 248 -16.74 -13.90 -12.71
N TYR B 249 -17.75 -14.44 -13.38
CA TYR B 249 -17.65 -15.72 -14.03
C TYR B 249 -17.71 -15.56 -15.54
N TYR B 250 -16.83 -16.21 -16.27
CA TYR B 250 -16.85 -16.13 -17.71
C TYR B 250 -17.14 -17.49 -18.27
N LEU B 251 -17.98 -17.55 -19.29
CA LEU B 251 -18.43 -18.85 -19.78
C LEU B 251 -18.51 -18.96 -21.30
N ALA B 252 -17.75 -19.88 -21.86
CA ALA B 252 -17.67 -20.09 -23.29
C ALA B 252 -18.95 -20.62 -23.92
N PRO B 253 -19.37 -20.04 -25.05
CA PRO B 253 -20.63 -20.44 -25.70
C PRO B 253 -20.51 -21.69 -26.59
N LYS B 254 -21.65 -22.24 -26.99
CA LYS B 254 -21.71 -23.39 -27.90
C LYS B 254 -21.95 -22.96 -29.36
N ILE B 255 -21.14 -23.49 -30.30
CA ILE B 255 -21.01 -22.99 -31.69
C ILE B 255 -20.79 -21.49 -31.68
N MET C 1 -2.44 -16.22 27.36
CA MET C 1 -1.27 -16.63 28.12
C MET C 1 0.04 -16.38 27.39
N PHE C 2 1.02 -15.84 28.09
CA PHE C 2 2.28 -15.56 27.44
C PHE C 2 3.36 -16.24 28.22
N GLU C 3 4.20 -16.95 27.51
CA GLU C 3 5.25 -17.72 28.13
C GLU C 3 6.43 -17.83 27.23
N ALA C 4 7.54 -17.25 27.68
CA ALA C 4 8.77 -17.21 26.92
C ALA C 4 9.90 -17.66 27.83
N ARG C 5 10.74 -18.52 27.27
CA ARG C 5 11.83 -19.14 27.96
C ARG C 5 13.17 -18.81 27.33
N LEU C 6 14.07 -18.21 28.11
CA LEU C 6 15.36 -17.83 27.56
C LEU C 6 16.53 -18.51 28.25
N VAL C 7 17.20 -19.38 27.52
CA VAL C 7 18.38 -20.09 28.03
C VAL C 7 19.61 -19.18 28.32
N GLN C 8 19.86 -18.14 27.53
CA GLN C 8 20.89 -17.16 27.93
C GLN C 8 20.33 -16.04 28.76
N GLY C 9 20.00 -16.34 30.01
CA GLY C 9 19.37 -15.35 30.85
C GLY C 9 20.13 -14.06 31.07
N SER C 10 21.46 -14.10 31.01
CA SER C 10 22.28 -12.90 31.23
C SER C 10 21.98 -11.83 30.20
N ILE C 11 21.54 -12.27 29.03
CA ILE C 11 21.13 -11.37 27.98
C ILE C 11 20.05 -10.43 28.48
N LEU C 12 19.07 -10.98 29.16
CA LEU C 12 17.99 -10.18 29.71
C LEU C 12 18.47 -9.36 30.91
N LYS C 13 19.47 -9.87 31.60
CA LYS C 13 20.11 -9.14 32.68
C LYS C 13 20.79 -7.89 32.12
N LYS C 14 21.55 -8.09 31.06
CA LYS C 14 22.28 -7.01 30.37
C LYS C 14 21.34 -6.01 29.75
N VAL C 15 20.23 -6.49 29.23
CA VAL C 15 19.29 -5.64 28.53
C VAL C 15 18.78 -4.62 29.53
N LEU C 16 18.53 -5.02 30.78
CA LEU C 16 17.93 -4.06 31.70
C LEU C 16 18.89 -3.17 32.45
N GLU C 17 20.15 -3.57 32.62
CA GLU C 17 21.18 -2.63 33.08
C GLU C 17 21.31 -1.52 32.07
N ALA C 18 21.11 -1.89 30.80
CA ALA C 18 21.21 -0.98 29.69
C ALA C 18 20.09 0.03 29.62
N LEU C 19 19.03 -0.19 30.37
CA LEU C 19 17.84 0.65 30.28
C LEU C 19 17.56 1.42 31.55
N LYS C 20 17.81 0.77 32.67
CA LYS C 20 17.28 1.23 33.94
C LYS C 20 17.75 2.61 34.40
N ASP C 21 18.95 3.02 34.03
CA ASP C 21 19.48 4.28 34.54
C ASP C 21 18.90 5.40 33.71
N LEU C 22 18.52 5.06 32.47
CA LEU C 22 18.06 6.05 31.52
C LEU C 22 16.57 6.31 31.61
N ILE C 23 15.77 5.26 31.75
CA ILE C 23 14.32 5.41 31.94
C ILE C 23 13.86 4.57 33.12
N ASN C 24 13.02 5.14 33.98
CA ASN C 24 12.57 4.43 35.18
C ASN C 24 11.34 3.57 35.01
N GLU C 25 10.48 3.92 34.06
CA GLU C 25 9.22 3.21 33.80
C GLU C 25 8.99 3.07 32.30
N ALA C 26 8.61 1.89 31.83
CA ALA C 26 8.29 1.70 30.41
C ALA C 26 7.21 0.68 30.16
N CYS C 27 6.60 0.73 28.98
CA CYS C 27 5.65 -0.31 28.58
C CYS C 27 6.27 -1.40 27.69
N TRP C 28 6.05 -2.65 28.07
CA TRP C 28 6.56 -3.78 27.33
C TRP C 28 5.46 -4.39 26.48
N ASP C 29 5.64 -4.35 25.17
CA ASP C 29 4.69 -4.81 24.19
C ASP C 29 5.02 -6.21 23.77
N ILE C 30 4.17 -7.14 24.18
CA ILE C 30 4.37 -8.55 23.93
C ILE C 30 3.42 -8.97 22.81
N SER C 31 3.95 -9.67 21.82
CA SER C 31 3.17 -10.11 20.69
C SER C 31 3.70 -11.43 20.17
N SER C 32 3.10 -11.93 19.11
CA SER C 32 3.52 -13.18 18.51
C SER C 32 4.90 -13.06 17.85
N SER C 33 5.30 -11.83 17.55
CA SER C 33 6.57 -11.53 16.89
C SER C 33 7.74 -11.53 17.84
N GLY C 34 7.46 -11.07 19.06
CA GLY C 34 8.44 -11.01 20.11
C GLY C 34 8.14 -9.81 20.97
N VAL C 35 9.19 -9.29 21.62
CA VAL C 35 9.06 -8.15 22.53
C VAL C 35 9.61 -6.86 21.96
N ASN C 36 8.81 -5.81 22.08
CA ASN C 36 9.23 -4.49 21.65
C ASN C 36 8.95 -3.49 22.75
N LEU C 37 9.90 -2.60 22.94
CA LEU C 37 9.73 -1.51 23.87
C LEU C 37 10.28 -0.24 23.25
N GLN C 38 9.58 0.87 23.45
CA GLN C 38 10.04 2.17 23.00
C GLN C 38 9.75 3.22 24.05
N SER C 39 10.74 4.04 24.37
CA SER C 39 10.56 5.08 25.37
C SER C 39 11.57 6.20 25.24
N MET C 40 11.08 7.43 25.39
CA MET C 40 11.89 8.63 25.54
C MET C 40 12.28 8.76 26.97
N ASP C 41 13.39 9.42 27.27
CA ASP C 41 13.70 9.64 28.67
C ASP C 41 12.89 10.80 29.17
N SER C 42 12.91 10.99 30.49
CA SER C 42 12.14 12.04 31.15
C SER C 42 12.37 13.42 30.56
N SER C 43 13.52 13.60 29.91
CA SER C 43 13.90 14.90 29.36
C SER C 43 13.58 15.09 27.87
N HIS C 44 13.23 13.99 27.22
CA HIS C 44 12.82 13.98 25.82
C HIS C 44 13.91 14.27 24.80
N VAL C 45 15.17 14.17 25.21
CA VAL C 45 16.26 14.38 24.29
C VAL C 45 16.63 13.06 23.61
N SER C 46 16.34 11.94 24.27
CA SER C 46 16.68 10.63 23.73
C SER C 46 15.53 9.63 23.81
N LEU C 47 15.74 8.50 23.18
CA LEU C 47 14.77 7.42 23.11
C LEU C 47 15.44 6.07 22.94
N VAL C 48 14.82 5.03 23.51
CA VAL C 48 15.30 3.65 23.36
C VAL C 48 14.28 2.79 22.66
N GLN C 49 14.76 1.88 21.81
CA GLN C 49 13.86 0.94 21.18
C GLN C 49 14.45 -0.44 21.31
N LEU C 50 13.69 -1.35 21.90
CA LEU C 50 14.14 -2.71 22.09
C LEU C 50 13.33 -3.60 21.19
N THR C 51 14.00 -4.58 20.61
CA THR C 51 13.35 -5.54 19.76
C THR C 51 13.95 -6.87 20.06
N LEU C 52 13.13 -7.75 20.58
CA LEU C 52 13.55 -9.09 20.86
C LEU C 52 12.65 -10.05 20.13
N ARG C 53 13.22 -10.68 19.11
CA ARG C 53 12.46 -11.54 18.25
C ARG C 53 12.12 -12.85 18.95
N SER C 54 10.88 -13.28 18.76
CA SER C 54 10.36 -14.48 19.37
C SER C 54 11.13 -15.74 18.98
N GLU C 55 11.84 -15.67 17.85
CA GLU C 55 12.57 -16.79 17.29
C GLU C 55 13.94 -16.93 17.94
N GLY C 56 14.29 -15.92 18.72
CA GLY C 56 15.48 -15.97 19.54
C GLY C 56 15.32 -16.74 20.84
N PHE C 57 14.07 -17.01 21.25
CA PHE C 57 13.80 -17.76 22.48
C PHE C 57 13.71 -19.26 22.26
N ASP C 58 14.13 -20.02 23.27
CA ASP C 58 14.10 -21.48 23.19
C ASP C 58 12.66 -21.96 22.99
N THR C 59 11.75 -21.39 23.77
CA THR C 59 10.34 -21.62 23.55
C THR C 59 9.64 -20.28 23.67
N TYR C 60 8.62 -20.07 22.84
CA TYR C 60 7.89 -18.81 22.82
C TYR C 60 6.44 -19.08 22.50
N ARG C 61 5.57 -18.44 23.27
CA ARG C 61 4.16 -18.54 23.07
C ARG C 61 3.52 -17.25 23.50
N CYS C 62 2.69 -16.69 22.65
CA CYS C 62 1.91 -15.53 23.03
C CYS C 62 0.52 -15.74 22.47
N ASP C 63 -0.47 -15.92 23.33
CA ASP C 63 -1.82 -16.05 22.83
C ASP C 63 -2.39 -14.70 22.47
N ARG C 64 -2.38 -13.81 23.44
CA ARG C 64 -3.04 -12.54 23.30
C ARG C 64 -2.02 -11.45 23.48
N ASN C 65 -2.16 -10.39 22.70
CA ASN C 65 -1.28 -9.26 22.84
C ASN C 65 -1.42 -8.62 24.19
N LEU C 66 -0.27 -8.30 24.74
CA LEU C 66 -0.09 -7.80 26.09
C LEU C 66 0.65 -6.49 26.12
N ALA C 67 0.18 -5.53 26.90
CA ALA C 67 0.91 -4.28 27.10
C ALA C 67 1.19 -4.02 28.57
N MET C 68 2.41 -4.30 29.00
CA MET C 68 2.73 -4.23 30.43
C MET C 68 3.53 -3.03 30.90
N GLY C 69 2.97 -2.24 31.80
CA GLY C 69 3.69 -1.14 32.38
C GLY C 69 4.63 -1.61 33.47
N VAL C 70 5.92 -1.33 33.32
CA VAL C 70 6.94 -1.88 34.21
C VAL C 70 7.86 -0.84 34.79
N ASN C 71 8.03 -0.89 36.09
CA ASN C 71 9.09 -0.16 36.74
C ASN C 71 10.42 -0.87 36.51
N LEU C 72 11.29 -0.22 35.76
CA LEU C 72 12.55 -0.81 35.33
C LEU C 72 13.49 -0.95 36.50
N THR C 73 13.35 -0.07 37.48
CA THR C 73 14.14 -0.16 38.70
C THR C 73 13.83 -1.50 39.35
N SER C 74 12.54 -1.82 39.39
CA SER C 74 12.05 -3.04 39.99
C SER C 74 12.39 -4.28 39.20
N MET C 75 12.39 -4.18 37.89
CA MET C 75 12.65 -5.36 37.09
C MET C 75 14.12 -5.77 37.16
N SER C 76 14.95 -4.75 37.32
CA SER C 76 16.40 -4.88 37.41
C SER C 76 16.83 -5.51 38.72
N LYS C 77 16.21 -5.07 39.81
CA LYS C 77 16.43 -5.70 41.09
C LYS C 77 16.14 -7.18 40.99
N ILE C 78 14.97 -7.51 40.42
CA ILE C 78 14.56 -8.89 40.31
C ILE C 78 15.57 -9.64 39.48
N LEU C 79 16.02 -9.01 38.42
CA LEU C 79 16.94 -9.70 37.54
C LEU C 79 18.32 -9.82 38.14
N LYS C 80 18.63 -9.02 39.14
CA LYS C 80 19.93 -9.20 39.77
C LYS C 80 19.98 -10.46 40.57
N CYS C 81 18.81 -11.04 40.82
CA CYS C 81 18.67 -12.25 41.60
C CYS C 81 18.82 -13.48 40.72
N ALA C 82 19.22 -13.24 39.48
CA ALA C 82 19.54 -14.32 38.55
C ALA C 82 21.03 -14.48 38.34
N GLY C 83 21.48 -15.71 38.18
CA GLY C 83 22.88 -15.96 37.91
C GLY C 83 23.19 -15.78 36.44
N ASN C 84 24.44 -15.65 36.07
CA ASN C 84 24.72 -15.34 34.69
C ASN C 84 24.47 -16.53 33.76
N GLU C 85 24.39 -17.73 34.30
CA GLU C 85 24.10 -18.89 33.46
C GLU C 85 22.75 -19.49 33.77
N ASP C 86 21.92 -18.72 34.45
CA ASP C 86 20.57 -19.13 34.76
C ASP C 86 19.69 -19.12 33.51
N ILE C 87 18.78 -20.08 33.45
CA ILE C 87 17.68 -20.08 32.51
C ILE C 87 16.49 -19.29 33.06
N ILE C 88 16.04 -18.29 32.31
CA ILE C 88 14.98 -17.40 32.77
C ILE C 88 13.68 -17.62 31.99
N THR C 89 12.57 -17.77 32.70
CA THR C 89 11.29 -17.85 32.03
C THR C 89 10.39 -16.70 32.48
N LEU C 90 9.77 -16.04 31.50
CA LEU C 90 8.74 -15.05 31.77
C LEU C 90 7.40 -15.64 31.49
N ARG C 91 6.41 -15.19 32.26
CA ARG C 91 5.05 -15.67 32.18
C ARG C 91 4.09 -14.61 32.65
N ALA C 92 3.05 -14.39 31.87
CA ALA C 92 2.00 -13.49 32.30
C ALA C 92 0.69 -14.05 31.79
N GLU C 93 -0.37 -13.83 32.56
CA GLU C 93 -1.67 -14.26 32.14
C GLU C 93 -2.21 -13.13 31.30
N ASP C 94 -3.30 -13.40 30.57
CA ASP C 94 -3.82 -12.49 29.55
C ASP C 94 -4.23 -11.15 30.10
N ASN C 95 -4.87 -11.16 31.26
CA ASN C 95 -5.16 -9.91 31.95
C ASN C 95 -4.41 -9.91 33.29
N ALA C 96 -3.12 -9.54 33.23
CA ALA C 96 -2.19 -9.64 34.35
C ALA C 96 -1.79 -8.33 35.01
N ASP C 97 -1.70 -8.33 36.34
CA ASP C 97 -1.08 -7.23 37.08
C ASP C 97 0.33 -7.63 37.34
N THR C 98 0.71 -8.85 37.00
CA THR C 98 2.05 -9.23 37.34
C THR C 98 2.77 -9.96 36.24
N LEU C 99 4.08 -9.97 36.37
CA LEU C 99 4.94 -10.74 35.52
C LEU C 99 5.64 -11.72 36.40
N ALA C 100 5.69 -12.95 35.94
CA ALA C 100 6.35 -13.98 36.65
C ALA C 100 7.70 -14.20 36.03
N LEU C 101 8.72 -14.09 36.84
CA LEU C 101 10.06 -14.29 36.38
C LEU C 101 10.57 -15.51 37.11
N VAL C 102 10.96 -16.55 36.38
CA VAL C 102 11.35 -17.81 37.01
C VAL C 102 12.76 -18.20 36.58
N PHE C 103 13.64 -18.35 37.55
CA PHE C 103 15.07 -18.56 37.28
C PHE C 103 15.53 -19.96 37.61
N GLU C 104 16.07 -20.67 36.63
CA GLU C 104 16.55 -22.00 36.89
C GLU C 104 18.04 -22.04 36.82
N ALA C 105 18.65 -22.54 37.87
CA ALA C 105 20.09 -22.62 37.95
C ALA C 105 20.55 -23.72 37.01
N PRO C 106 21.84 -23.70 36.66
CA PRO C 106 22.42 -24.68 35.71
C PRO C 106 22.60 -26.11 36.21
N ASN C 107 22.37 -26.37 37.49
CA ASN C 107 22.51 -27.73 37.98
C ASN C 107 21.14 -28.31 38.27
N GLN C 108 20.12 -27.52 37.98
CA GLN C 108 18.72 -27.89 38.11
C GLN C 108 18.25 -28.18 39.54
N GLU C 109 19.03 -27.82 40.54
CA GLU C 109 18.62 -28.08 41.93
C GLU C 109 18.17 -26.80 42.60
N LYS C 110 18.38 -25.65 41.95
CA LYS C 110 17.99 -24.34 42.50
C LYS C 110 17.06 -23.62 41.53
N VAL C 111 15.90 -23.20 42.05
CA VAL C 111 14.89 -22.52 41.23
C VAL C 111 14.30 -21.34 41.99
N SER C 112 14.25 -20.20 41.34
CA SER C 112 13.80 -18.99 41.95
C SER C 112 12.52 -18.50 41.32
N ASP C 113 11.61 -18.03 42.13
CA ASP C 113 10.30 -17.67 41.65
C ASP C 113 9.98 -16.24 42.02
N TYR C 114 9.80 -15.39 41.02
CA TYR C 114 9.55 -13.99 41.26
C TYR C 114 8.25 -13.54 40.69
N GLU C 115 7.73 -12.49 41.28
CA GLU C 115 6.44 -12.02 40.96
C GLU C 115 6.54 -10.54 40.94
N MET C 116 6.47 -9.96 39.75
CA MET C 116 6.64 -8.53 39.70
C MET C 116 5.33 -7.84 39.42
N LYS C 117 4.96 -6.89 40.26
CA LYS C 117 3.83 -6.03 39.97
C LYS C 117 4.09 -5.13 38.79
N LEU C 118 3.09 -4.97 37.97
CA LEU C 118 3.11 -4.02 36.90
C LEU C 118 2.47 -2.76 37.47
N MET C 119 2.39 -1.71 36.67
CA MET C 119 1.87 -0.42 37.12
C MET C 119 1.09 0.28 36.02
N ASP C 120 0.30 1.31 36.37
CA ASP C 120 -0.34 2.13 35.36
C ASP C 120 0.58 3.25 34.88
N LEU C 121 0.75 3.32 33.56
CA LEU C 121 1.61 4.33 32.93
C LEU C 121 0.86 5.21 31.93
N ASP C 122 1.37 6.40 31.68
CA ASP C 122 0.86 7.18 30.54
C ASP C 122 2.00 7.30 29.53
N VAL C 123 2.04 6.36 28.59
CA VAL C 123 3.14 6.31 27.65
C VAL C 123 2.86 7.22 26.43
N GLU C 124 3.91 7.53 25.69
CA GLU C 124 3.80 8.35 24.49
C GLU C 124 4.61 7.80 23.31
N GLN C 125 3.96 7.15 22.35
CA GLN C 125 4.73 6.58 21.25
C GLN C 125 4.94 7.56 20.11
N LEU C 126 6.15 7.53 19.56
CA LEU C 126 6.54 8.35 18.43
C LEU C 126 6.55 7.48 17.20
N GLY C 127 6.26 8.10 16.06
CA GLY C 127 6.34 7.39 14.80
C GLY C 127 7.73 7.53 14.22
N ILE C 128 8.56 6.52 14.38
CA ILE C 128 9.91 6.60 13.87
C ILE C 128 10.16 5.75 12.65
N PRO C 129 10.24 6.40 11.50
CA PRO C 129 10.59 5.70 10.27
C PRO C 129 12.10 5.60 10.21
N GLU C 130 12.64 4.51 9.72
CA GLU C 130 14.07 4.49 9.47
C GLU C 130 14.30 5.08 8.11
N GLN C 131 14.88 6.26 8.06
CA GLN C 131 15.19 6.79 6.75
C GLN C 131 16.60 6.32 6.52
N GLU C 132 17.20 6.68 5.41
CA GLU C 132 18.60 6.38 5.29
C GLU C 132 19.44 7.55 5.70
N TYR C 133 20.55 7.20 6.34
CA TYR C 133 21.43 8.13 6.99
C TYR C 133 22.70 8.17 6.17
N SER C 134 23.14 9.38 5.87
CA SER C 134 24.31 9.61 5.05
C SER C 134 25.60 9.01 5.60
N CYS C 135 25.58 8.50 6.84
CA CYS C 135 26.79 8.02 7.49
C CYS C 135 26.55 6.91 8.51
N VAL C 136 27.28 5.81 8.37
CA VAL C 136 27.13 4.64 9.24
C VAL C 136 28.49 4.16 9.68
N VAL C 137 28.78 4.26 10.97
CA VAL C 137 30.05 3.82 11.50
C VAL C 137 29.96 2.60 12.39
N LYS C 138 30.74 1.57 12.07
CA LYS C 138 30.78 0.40 12.94
C LYS C 138 32.18 0.23 13.49
N MET C 139 32.26 0.07 14.81
CA MET C 139 33.53 0.01 15.50
C MET C 139 33.36 -0.84 16.76
N PRO C 140 34.48 -1.20 17.42
CA PRO C 140 34.38 -1.83 18.73
C PRO C 140 33.57 -1.00 19.71
N SER C 141 32.68 -1.67 20.44
CA SER C 141 31.78 -1.01 21.36
C SER C 141 32.56 -0.45 22.55
N GLY C 142 33.65 -1.14 22.90
CA GLY C 142 34.47 -0.74 24.02
C GLY C 142 35.25 0.53 23.78
N GLU C 143 35.78 0.67 22.57
CA GLU C 143 36.38 1.92 22.15
C GLU C 143 35.40 3.08 22.21
N PHE C 144 34.21 2.86 21.69
CA PHE C 144 33.23 3.91 21.70
C PHE C 144 32.96 4.36 23.12
N ALA C 145 32.80 3.40 24.02
CA ALA C 145 32.54 3.71 25.41
C ALA C 145 33.71 4.51 26.02
N ARG C 146 34.92 4.08 25.71
CA ARG C 146 36.14 4.78 26.14
C ARG C 146 36.08 6.25 25.76
N ILE C 147 35.80 6.53 24.49
CA ILE C 147 35.78 7.88 23.95
C ILE C 147 34.77 8.82 24.59
N CYS C 148 33.57 8.34 24.84
CA CYS C 148 32.57 9.19 25.43
C CYS C 148 32.95 9.51 26.84
N ARG C 149 33.57 8.55 27.47
CA ARG C 149 33.99 8.70 28.84
C ARG C 149 35.16 9.65 28.94
N ASP C 150 36.17 9.41 28.13
CA ASP C 150 37.32 10.28 28.04
C ASP C 150 36.95 11.72 27.75
N LEU C 151 36.30 11.95 26.62
CA LEU C 151 35.96 13.30 26.19
C LEU C 151 34.97 13.98 27.11
N SER C 152 34.29 13.21 27.94
CA SER C 152 33.38 13.76 28.94
C SER C 152 34.18 14.48 30.01
N HIS C 153 35.47 14.17 30.04
CA HIS C 153 36.39 14.76 31.00
C HIS C 153 36.80 16.16 30.55
N ILE C 154 36.76 16.37 29.25
CA ILE C 154 37.20 17.60 28.61
C ILE C 154 36.08 18.64 28.55
N GLY C 155 34.94 18.25 27.98
CA GLY C 155 33.82 19.15 27.84
C GLY C 155 32.52 18.40 27.74
N ASP C 156 31.42 19.15 27.74
CA ASP C 156 30.06 18.62 27.77
C ASP C 156 29.57 18.04 26.46
N ALA C 157 30.05 18.58 25.34
CA ALA C 157 29.51 18.21 24.06
C ALA C 157 30.59 17.60 23.20
N VAL C 158 30.24 16.61 22.39
CA VAL C 158 31.14 16.05 21.40
C VAL C 158 30.63 16.38 20.03
N VAL C 159 31.54 16.75 19.15
CA VAL C 159 31.20 16.90 17.76
C VAL C 159 31.73 15.73 16.98
N ILE C 160 30.80 14.98 16.42
CA ILE C 160 31.14 13.83 15.64
C ILE C 160 31.09 14.18 14.16
N SER C 161 32.22 14.00 13.48
CA SER C 161 32.32 14.32 12.07
C SER C 161 32.62 13.07 11.30
N CYS C 162 31.75 12.74 10.36
CA CYS C 162 31.93 11.51 9.63
C CYS C 162 32.44 11.87 8.26
N ALA C 163 33.51 11.21 7.86
CA ALA C 163 33.98 11.29 6.51
C ALA C 163 34.31 9.88 6.11
N LYS C 164 34.56 9.62 4.83
CA LYS C 164 34.75 8.24 4.39
C LYS C 164 36.12 7.74 4.80
N ASP C 165 37.06 8.66 5.02
CA ASP C 165 38.37 8.23 5.39
C ASP C 165 38.33 7.78 6.84
N GLY C 166 37.55 8.47 7.67
CA GLY C 166 37.47 8.11 9.07
C GLY C 166 36.52 8.95 9.89
N VAL C 167 36.56 8.80 11.21
CA VAL C 167 35.64 9.51 12.07
C VAL C 167 36.39 10.26 13.15
N LYS C 168 35.94 11.46 13.47
CA LYS C 168 36.60 12.28 14.45
C LYS C 168 35.63 12.70 15.50
N PHE C 169 36.07 12.65 16.75
CA PHE C 169 35.28 13.14 17.87
C PHE C 169 36.03 14.24 18.52
N SER C 170 35.33 15.27 18.90
CA SER C 170 35.97 16.44 19.42
C SER C 170 35.15 17.02 20.55
N ALA C 171 35.78 17.37 21.65
CA ALA C 171 35.09 18.06 22.73
C ALA C 171 35.95 19.20 23.22
N SER C 172 35.31 20.18 23.84
CA SER C 172 36.01 21.30 24.41
C SER C 172 35.36 21.74 25.67
N GLY C 173 36.19 22.06 26.65
CA GLY C 173 35.72 22.53 27.92
C GLY C 173 36.69 23.59 28.36
N GLU C 174 36.55 24.05 29.59
CA GLU C 174 37.42 25.13 30.05
C GLU C 174 38.92 24.82 30.02
N LEU C 175 39.30 23.54 30.10
CA LEU C 175 40.70 23.14 30.22
C LEU C 175 41.47 22.98 28.89
N GLY C 176 40.77 23.02 27.77
CA GLY C 176 41.37 22.82 26.48
C GLY C 176 40.46 22.00 25.61
N ASN C 177 41.00 21.28 24.64
CA ASN C 177 40.15 20.51 23.75
C ASN C 177 40.76 19.20 23.32
N GLY C 178 39.92 18.30 22.85
CA GLY C 178 40.43 17.04 22.39
C GLY C 178 39.86 16.71 21.05
N ASN C 179 40.63 15.98 20.27
CA ASN C 179 40.21 15.48 18.99
C ASN C 179 40.69 14.05 18.94
N ILE C 180 39.76 13.10 18.91
CA ILE C 180 40.11 11.70 18.75
C ILE C 180 39.65 11.28 17.39
N LYS C 181 40.54 10.68 16.63
CA LYS C 181 40.28 10.37 15.24
C LYS C 181 40.51 8.90 14.95
N LEU C 182 39.47 8.23 14.47
CA LEU C 182 39.58 6.83 14.07
C LEU C 182 39.56 6.66 12.56
N SER C 183 40.60 6.07 12.02
CA SER C 183 40.65 5.80 10.60
C SER C 183 39.97 4.48 10.32
N GLN C 184 39.46 4.30 9.12
CA GLN C 184 39.06 2.98 8.65
C GLN C 184 40.19 2.00 8.78
N THR C 185 39.90 0.81 9.28
CA THR C 185 40.87 -0.26 9.35
C THR C 185 41.29 -0.69 7.96
N SER C 186 42.60 -0.74 7.72
CA SER C 186 43.12 -1.03 6.40
C SER C 186 43.21 -2.54 6.18
N ASN C 187 43.67 -3.26 7.19
CA ASN C 187 43.69 -4.71 7.14
C ASN C 187 42.55 -5.30 7.89
N VAL C 188 41.42 -5.48 7.20
CA VAL C 188 40.17 -5.92 7.84
C VAL C 188 40.09 -7.43 7.87
N ASP C 189 40.18 -7.96 9.08
CA ASP C 189 40.09 -9.40 9.31
C ASP C 189 38.73 -9.82 9.83
N LYS C 190 38.51 -9.59 11.13
CA LYS C 190 37.31 -10.06 11.78
C LYS C 190 36.38 -8.89 11.91
N GLU C 191 35.10 -9.12 11.66
CA GLU C 191 34.16 -8.02 11.51
C GLU C 191 34.14 -7.15 12.76
N GLU C 192 34.30 -7.77 13.92
CA GLU C 192 34.05 -7.10 15.18
C GLU C 192 35.16 -6.22 15.76
N GLU C 193 36.36 -6.32 15.22
CA GLU C 193 37.47 -5.50 15.67
C GLU C 193 37.73 -4.29 14.77
N ALA C 194 37.06 -4.24 13.63
CA ALA C 194 37.32 -3.23 12.63
C ALA C 194 36.50 -1.97 12.83
N VAL C 195 36.98 -0.87 12.28
CA VAL C 195 36.24 0.39 12.20
C VAL C 195 35.91 0.58 10.74
N THR C 196 34.63 0.56 10.41
CA THR C 196 34.20 0.70 9.02
C THR C 196 33.23 1.86 8.88
N ILE C 197 33.33 2.59 7.78
CA ILE C 197 32.45 3.71 7.52
C ILE C 197 31.78 3.54 6.19
N GLU C 198 30.48 3.73 6.14
CA GLU C 198 29.77 3.72 4.87
C GLU C 198 29.05 5.04 4.75
N MET C 199 29.39 5.81 3.72
CA MET C 199 29.03 7.22 3.70
C MET C 199 28.76 7.79 2.32
N ASN C 200 27.74 8.65 2.25
CA ASN C 200 27.47 9.38 1.04
C ASN C 200 27.92 10.81 1.10
N GLU C 201 27.45 11.53 2.10
CA GLU C 201 27.84 12.92 2.24
C GLU C 201 28.37 13.11 3.65
N PRO C 202 29.45 13.89 3.79
CA PRO C 202 30.05 14.19 5.10
C PRO C 202 29.04 14.78 6.05
N VAL C 203 28.89 14.18 7.22
CA VAL C 203 27.93 14.62 8.22
C VAL C 203 28.68 15.09 9.44
N GLN C 204 28.22 16.16 10.06
CA GLN C 204 28.85 16.72 11.24
C GLN C 204 27.82 17.13 12.27
N LEU C 205 27.88 16.55 13.45
CA LEU C 205 26.82 16.78 14.40
C LEU C 205 27.34 16.89 15.82
N THR C 206 26.62 17.64 16.66
CA THR C 206 26.98 17.81 18.06
C THR C 206 25.92 17.20 18.98
N PHE C 207 26.38 16.42 19.94
CA PHE C 207 25.53 15.68 20.86
C PHE C 207 25.94 15.85 22.32
N ALA C 208 25.06 15.53 23.25
CA ALA C 208 25.39 15.55 24.70
C ALA C 208 26.09 14.29 25.17
N LEU C 209 27.27 14.45 25.76
CA LEU C 209 28.05 13.30 26.20
C LEU C 209 27.39 12.57 27.39
N ARG C 210 26.67 13.30 28.21
CA ARG C 210 25.92 12.75 29.32
C ARG C 210 25.01 11.58 28.91
N TYR C 211 24.26 11.77 27.83
CA TYR C 211 23.33 10.75 27.35
C TYR C 211 24.05 9.63 26.68
N LEU C 212 25.10 9.95 25.94
CA LEU C 212 25.87 8.94 25.24
C LEU C 212 26.50 7.98 26.21
N ASN C 213 26.80 8.50 27.39
CA ASN C 213 27.40 7.70 28.45
C ASN C 213 26.41 6.76 29.14
N PHE C 214 25.13 7.05 28.97
CA PHE C 214 24.04 6.14 29.27
C PHE C 214 23.96 5.03 28.25
N PHE C 215 24.07 5.37 26.97
CA PHE C 215 23.89 4.38 25.93
C PHE C 215 24.91 3.30 26.13
N THR C 216 26.06 3.70 26.64
CA THR C 216 27.24 2.86 26.66
C THR C 216 27.17 1.82 27.73
N LYS C 217 26.07 1.81 28.47
CA LYS C 217 25.79 0.76 29.45
C LYS C 217 25.35 -0.50 28.76
N ALA C 218 24.96 -0.41 27.51
CA ALA C 218 24.54 -1.58 26.75
C ALA C 218 25.70 -2.31 26.15
N THR C 219 26.88 -1.73 26.35
CA THR C 219 28.11 -2.26 25.79
C THR C 219 28.29 -3.76 25.98
N PRO C 220 27.90 -4.31 27.15
CA PRO C 220 28.05 -5.75 27.28
C PRO C 220 27.12 -6.59 26.40
N LEU C 221 26.23 -5.98 25.64
CA LEU C 221 25.38 -6.77 24.75
C LEU C 221 26.09 -7.16 23.45
N SER C 222 27.15 -6.43 23.10
CA SER C 222 27.83 -6.68 21.83
C SER C 222 29.32 -6.23 21.82
N SER C 223 30.13 -6.91 21.00
CA SER C 223 31.54 -6.54 20.77
C SER C 223 31.70 -5.28 19.92
N THR C 224 30.65 -4.97 19.16
CA THR C 224 30.63 -3.88 18.19
C THR C 224 29.47 -2.93 18.39
N VAL C 225 29.62 -1.69 17.94
CA VAL C 225 28.53 -0.73 18.00
C VAL C 225 28.40 -0.08 16.63
N THR C 226 27.20 0.38 16.27
CA THR C 226 27.03 1.07 14.99
C THR C 226 26.34 2.44 15.14
N LEU C 227 26.97 3.46 14.56
CA LEU C 227 26.49 4.82 14.67
C LEU C 227 25.96 5.29 13.34
N ILE C 228 24.77 5.88 13.38
CA ILE C 228 24.04 6.22 12.19
C ILE C 228 23.59 7.68 12.18
N MET C 229 24.12 8.42 11.22
CA MET C 229 23.99 9.87 11.16
C MET C 229 23.45 10.35 9.84
N SER C 230 22.61 11.38 9.89
CA SER C 230 22.08 11.98 8.69
C SER C 230 22.00 13.47 8.98
N ALA C 231 22.02 14.30 7.95
CA ALA C 231 22.06 15.73 8.18
C ALA C 231 20.84 16.17 8.97
N ASP C 232 21.07 16.97 10.01
CA ASP C 232 20.03 17.58 10.85
C ASP C 232 19.11 16.63 11.63
N VAL C 233 19.43 15.34 11.75
CA VAL C 233 18.49 14.44 12.42
C VAL C 233 19.12 13.58 13.57
N PRO C 234 18.26 12.97 14.43
CA PRO C 234 18.80 12.24 15.58
C PRO C 234 19.84 11.19 15.22
N LEU C 235 20.78 11.02 16.13
CA LEU C 235 21.74 9.95 16.05
C LEU C 235 21.08 8.66 16.44
N VAL C 236 21.50 7.58 15.79
CA VAL C 236 21.08 6.27 16.19
C VAL C 236 22.31 5.48 16.57
N VAL C 237 22.31 4.95 17.80
CA VAL C 237 23.37 4.06 18.29
C VAL C 237 22.80 2.68 18.50
N GLU C 238 23.28 1.70 17.74
CA GLU C 238 22.64 0.40 17.75
C GLU C 238 23.54 -0.71 18.24
N TYR C 239 23.08 -1.42 19.26
CA TYR C 239 23.76 -2.62 19.74
C TYR C 239 22.88 -3.83 19.37
N LYS C 240 23.45 -4.79 18.64
CA LYS C 240 22.72 -6.00 18.32
C LYS C 240 22.65 -6.97 19.50
N ILE C 241 21.47 -7.46 19.78
CA ILE C 241 21.37 -8.57 20.68
C ILE C 241 21.41 -9.73 19.72
N ALA C 242 22.43 -10.55 19.86
CA ALA C 242 22.83 -11.41 18.77
C ALA C 242 21.75 -12.36 18.39
N ASP C 243 21.25 -12.18 17.17
CA ASP C 243 20.28 -13.12 16.63
C ASP C 243 19.02 -13.19 17.49
N MET C 244 18.69 -12.06 18.12
CA MET C 244 17.46 -11.96 18.88
C MET C 244 16.79 -10.69 18.55
N GLY C 245 17.58 -9.73 18.13
CA GLY C 245 17.07 -8.40 17.92
C GLY C 245 18.13 -7.38 18.26
N HIS C 246 17.69 -6.30 18.86
CA HIS C 246 18.52 -5.12 19.04
C HIS C 246 18.02 -4.11 20.07
N LEU C 247 18.99 -3.36 20.56
CA LEU C 247 18.74 -2.17 21.35
C LEU C 247 19.15 -1.00 20.47
N LYS C 248 18.26 -0.02 20.32
CA LYS C 248 18.59 1.17 19.56
C LYS C 248 18.39 2.39 20.45
N TYR C 249 19.40 3.27 20.49
CA TYR C 249 19.28 4.52 21.21
C TYR C 249 19.29 5.67 20.23
N TYR C 250 18.41 6.63 20.42
CA TYR C 250 18.34 7.79 19.56
C TYR C 250 18.70 9.03 20.35
N LEU C 251 19.39 9.97 19.73
CA LEU C 251 19.75 11.14 20.50
C LEU C 251 19.56 12.41 19.67
N ALA C 252 18.74 13.30 20.21
CA ALA C 252 18.46 14.58 19.58
C ALA C 252 19.70 15.43 19.56
N PRO C 253 20.02 16.01 18.40
CA PRO C 253 21.25 16.78 18.29
C PRO C 253 21.14 18.20 18.88
N LYS C 254 22.30 18.82 19.08
CA LYS C 254 22.39 20.18 19.58
C LYS C 254 22.47 21.16 18.40
N ILE C 255 21.82 22.31 18.55
CA ILE C 255 21.59 23.29 17.47
C ILE C 255 20.92 22.72 16.22
N ARG D 6 17.44 1.32 -7.40
CA ARG D 6 16.81 0.71 -8.54
C ARG D 6 15.40 1.25 -8.70
N GLN D 7 15.05 1.58 -9.95
CA GLN D 7 13.79 2.21 -10.32
C GLN D 7 12.69 1.20 -10.41
N THR D 8 11.68 1.39 -9.60
CA THR D 8 10.50 0.54 -9.59
C THR D 8 9.49 0.97 -10.64
N SER D 9 8.59 0.07 -11.01
CA SER D 9 7.50 0.45 -11.88
C SER D 9 6.20 0.45 -11.10
N MET D 10 5.16 1.04 -11.67
CA MET D 10 3.92 1.22 -10.95
C MET D 10 3.22 -0.11 -10.71
N THR D 11 3.49 -1.09 -11.56
CA THR D 11 2.92 -2.42 -11.41
C THR D 11 3.53 -3.20 -10.25
N ASP D 12 4.61 -2.67 -9.71
CA ASP D 12 5.21 -3.20 -8.51
C ASP D 12 4.35 -2.86 -7.33
N PHE D 13 3.42 -1.94 -7.50
CA PHE D 13 2.59 -1.49 -6.40
C PHE D 13 1.12 -1.80 -6.58
N TYR D 14 0.64 -1.74 -7.82
CA TYR D 14 -0.76 -1.81 -8.10
C TYR D 14 -1.04 -2.91 -9.09
N HIS D 15 -2.22 -3.51 -8.97
CA HIS D 15 -2.61 -4.62 -9.82
C HIS D 15 -3.05 -4.10 -11.15
N SER D 16 -2.91 -4.97 -12.14
CA SER D 16 -3.00 -4.64 -13.55
C SER D 16 -4.08 -5.44 -14.28
N LYS D 17 -5.18 -4.78 -14.66
CA LYS D 17 -6.18 -5.40 -15.56
C LYS D 17 -5.94 -4.96 -17.03
N ARG D 18 -6.02 -5.86 -18.00
CA ARG D 18 -5.90 -5.42 -19.40
C ARG D 18 -7.24 -4.98 -19.98
N ARG D 19 -7.23 -3.95 -20.80
CA ARG D 19 -8.48 -3.45 -21.34
C ARG D 19 -8.52 -3.21 -22.84
N LEU D 20 -9.61 -3.61 -23.49
CA LEU D 20 -9.78 -3.48 -24.94
C LEU D 20 -10.81 -2.47 -25.38
N ILE D 21 -10.31 -1.37 -25.95
CA ILE D 21 -11.11 -0.29 -26.54
C ILE D 21 -11.11 -0.49 -28.05
N PHE D 22 -12.29 -0.47 -28.66
CA PHE D 22 -12.40 -0.68 -30.10
C PHE D 22 -12.95 0.57 -30.79
N SER D 23 -12.10 1.23 -31.59
CA SER D 23 -12.50 2.45 -32.28
C SER D 23 -11.79 2.57 -33.64
N ARG E 5 -22.86 -26.11 -31.72
CA ARG E 5 -22.81 -27.53 -31.99
C ARG E 5 -21.50 -28.06 -31.48
N ARG E 6 -20.67 -27.16 -30.98
CA ARG E 6 -19.54 -27.59 -30.20
C ARG E 6 -19.27 -26.61 -29.09
N GLN E 7 -18.90 -27.16 -27.95
CA GLN E 7 -18.58 -26.38 -26.76
C GLN E 7 -17.17 -25.86 -26.88
N THR E 8 -17.06 -24.55 -26.95
CA THR E 8 -15.78 -23.87 -27.06
C THR E 8 -15.22 -23.71 -25.68
N SER E 9 -13.91 -23.57 -25.56
CA SER E 9 -13.35 -23.27 -24.26
C SER E 9 -12.86 -21.85 -24.24
N MET E 10 -12.53 -21.37 -23.06
CA MET E 10 -12.20 -19.97 -22.94
C MET E 10 -10.94 -19.65 -23.73
N THR E 11 -10.08 -20.64 -23.93
CA THR E 11 -8.83 -20.43 -24.68
C THR E 11 -9.04 -20.16 -26.17
N ASP E 12 -10.22 -20.45 -26.66
CA ASP E 12 -10.55 -20.18 -28.04
C ASP E 12 -10.77 -18.69 -28.22
N PHE E 13 -10.90 -17.94 -27.13
CA PHE E 13 -11.21 -16.53 -27.24
C PHE E 13 -10.08 -15.63 -26.74
N TYR E 14 -9.36 -16.08 -25.73
CA TYR E 14 -8.35 -15.24 -25.14
C TYR E 14 -7.03 -15.96 -24.99
N HIS E 15 -5.95 -15.21 -25.09
CA HIS E 15 -4.59 -15.74 -25.05
C HIS E 15 -4.16 -16.02 -23.63
N SER E 16 -3.29 -17.01 -23.45
CA SER E 16 -3.02 -17.58 -22.13
C SER E 16 -1.57 -17.57 -21.72
N LYS E 17 -1.21 -16.75 -20.75
CA LYS E 17 0.13 -16.79 -20.20
C LYS E 17 0.29 -17.87 -19.16
N ARG E 18 1.38 -18.62 -19.26
CA ARG E 18 1.67 -19.60 -18.23
C ARG E 18 2.43 -18.94 -17.10
N ARG E 19 2.05 -19.29 -15.88
CA ARG E 19 2.68 -18.71 -14.71
C ARG E 19 3.14 -19.83 -13.80
N LEU E 20 4.33 -19.67 -13.27
CA LEU E 20 4.88 -20.69 -12.43
C LEU E 20 4.92 -20.09 -11.03
N ILE E 21 3.98 -20.52 -10.18
CA ILE E 21 3.89 -20.00 -8.83
C ILE E 21 4.57 -20.91 -7.81
N PHE E 22 5.50 -20.30 -7.09
CA PHE E 22 6.29 -20.95 -6.06
C PHE E 22 6.04 -20.39 -4.68
N SER E 23 5.51 -21.23 -3.80
CA SER E 23 5.26 -20.86 -2.41
C SER E 23 5.53 -22.09 -1.53
N ARG F 6 21.46 25.19 20.68
CA ARG F 6 20.16 24.74 21.16
C ARG F 6 20.12 23.24 21.28
N GLN F 7 19.61 22.74 22.41
CA GLN F 7 19.41 21.32 22.54
C GLN F 7 18.04 20.99 21.97
N THR F 8 17.99 20.17 20.94
CA THR F 8 16.71 19.81 20.35
C THR F 8 16.11 18.63 21.08
N SER F 9 14.79 18.46 21.00
CA SER F 9 14.17 17.29 21.58
C SER F 9 13.64 16.32 20.52
N MET F 10 13.35 15.09 20.92
CA MET F 10 12.99 14.06 19.96
C MET F 10 11.62 14.39 19.34
N THR F 11 10.81 15.12 20.10
CA THR F 11 9.50 15.55 19.68
C THR F 11 9.58 16.59 18.59
N ASP F 12 10.77 17.11 18.38
CA ASP F 12 11.02 18.02 17.29
C ASP F 12 11.10 17.34 15.96
N PHE F 13 11.25 16.02 15.96
CA PHE F 13 11.45 15.27 14.73
C PHE F 13 10.33 14.30 14.43
N TYR F 14 9.68 13.82 15.48
CA TYR F 14 8.66 12.80 15.32
C TYR F 14 7.36 13.16 16.00
N HIS F 15 6.24 12.81 15.38
CA HIS F 15 4.94 13.17 15.93
C HIS F 15 4.55 12.17 17.00
N SER F 16 3.75 12.64 17.93
CA SER F 16 3.56 11.96 19.18
C SER F 16 2.13 11.55 19.51
N LYS F 17 1.85 10.25 19.45
CA LYS F 17 0.59 9.77 20.01
C LYS F 17 0.81 9.38 21.46
N ARG F 18 -0.09 9.82 22.33
CA ARG F 18 -0.03 9.42 23.72
C ARG F 18 -0.82 8.14 23.92
N ARG F 19 -0.27 7.21 24.69
CA ARG F 19 -0.91 5.92 24.89
C ARG F 19 -1.03 5.59 26.38
N LEU F 20 -2.10 4.88 26.72
CA LEU F 20 -2.50 4.66 28.09
C LEU F 20 -2.24 3.25 28.57
N ILE F 21 -1.25 3.08 29.45
CA ILE F 21 -0.97 1.75 30.02
C ILE F 21 -1.61 1.58 31.41
N PHE F 22 -2.45 0.55 31.53
CA PHE F 22 -3.16 0.24 32.78
C PHE F 22 -2.67 -1.10 33.33
N SER F 23 -1.90 -1.10 34.41
CA SER F 23 -1.45 -2.39 34.93
C SER F 23 -1.09 -2.39 36.42
#